data_5CHI
#
_entry.id   5CHI
#
_cell.length_a   69.010
_cell.length_b   85.903
_cell.length_c   69.204
_cell.angle_alpha   90.000
_cell.angle_beta   118.440
_cell.angle_gamma   90.000
#
_symmetry.space_group_name_H-M   'P 1 21 1'
#
loop_
_entity.id
_entity.type
_entity.pdbx_description
1 polymer 'Uncharacterized protein'
2 polymer "DNA (5'-D(P*TP*TP*TP*T)-3')"
3 non-polymer 'MAGNESIUM ION'
4 water water
#
loop_
_entity_poly.entity_id
_entity_poly.type
_entity_poly.pdbx_seq_one_letter_code
_entity_poly.pdbx_strand_id
1 'polypeptide(L)'
;MMRIVAADTGGAVLDETFEPIGLIATVAVLVEKPYRSAKEVMVKYANPYDYDLTGRQAIRDEVLLAIELARKVKPDVIHL
DSTLGGIELRKLDEPTIDALGISDKGKEVWKELSKDLQPLARKFWEETNIEIVAIGKSSVPVRIAEIYAGIYSAKWGIEN
VEKEGHLIIGLPRYMEVNIKDGKIIGRSLDPREGGLYGSAEVSVPEGVKWEIYPNPVARRFMIFEIFSKR
;
A,B,C
2 'polydeoxyribonucleotide' (DT)(DT)(DT)(DT) D,E,F
#
# COMPACT_ATOMS: atom_id res chain seq x y z
N MET A 1 5.94 27.18 -11.08
CA MET A 1 6.70 26.67 -9.95
C MET A 1 7.77 25.67 -10.39
N MET A 2 8.01 24.68 -9.53
CA MET A 2 9.02 23.68 -9.74
C MET A 2 8.77 22.84 -11.00
N ARG A 3 9.78 22.79 -11.88
CA ARG A 3 9.76 21.88 -13.01
C ARG A 3 10.77 20.75 -12.75
N ILE A 4 10.36 19.52 -13.00
CA ILE A 4 11.17 18.35 -12.64
C ILE A 4 11.40 17.46 -13.84
N VAL A 5 12.58 16.85 -13.93
CA VAL A 5 12.78 15.78 -14.91
C VAL A 5 12.94 14.46 -14.19
N ALA A 6 12.32 13.42 -14.71
CA ALA A 6 12.54 12.11 -14.10
C ALA A 6 12.61 11.05 -15.17
N ALA A 7 13.32 9.97 -14.87
CA ALA A 7 13.36 8.82 -15.73
C ALA A 7 12.98 7.53 -14.99
N ASP A 8 12.53 6.54 -15.74
CA ASP A 8 12.31 5.21 -15.21
C ASP A 8 12.45 4.17 -16.33
N THR A 9 12.78 2.92 -16.00
CA THR A 9 12.77 1.84 -17.00
C THR A 9 11.73 0.82 -16.60
N GLY A 10 10.94 0.34 -17.56
CA GLY A 10 9.74 -0.41 -17.18
C GLY A 10 9.01 -1.39 -18.06
N GLY A 11 9.34 -1.54 -19.32
CA GLY A 11 8.67 -2.66 -19.99
C GLY A 11 9.24 -3.97 -19.51
N ALA A 12 8.46 -5.03 -19.49
CA ALA A 12 9.06 -6.35 -19.34
C ALA A 12 8.40 -7.45 -20.17
N VAL A 13 9.16 -7.99 -21.13
CA VAL A 13 8.83 -9.23 -21.81
C VAL A 13 8.99 -10.41 -20.85
N LEU A 14 7.99 -11.29 -20.80
CA LEU A 14 7.98 -12.43 -19.89
C LEU A 14 7.92 -13.75 -20.64
N ASP A 15 8.30 -14.82 -19.94
CA ASP A 15 8.15 -16.17 -20.45
C ASP A 15 6.83 -16.76 -19.98
N GLU A 16 6.50 -17.95 -20.48
CA GLU A 16 5.23 -18.63 -20.26
C GLU A 16 5.01 -18.91 -18.77
N THR A 17 6.09 -18.75 -18.00
CA THR A 17 6.12 -18.81 -16.55
C THR A 17 5.70 -17.48 -15.92
N PHE A 18 5.59 -16.45 -16.76
CA PHE A 18 5.26 -15.07 -16.38
C PHE A 18 6.43 -14.38 -15.66
N GLU A 19 7.59 -15.01 -15.75
CA GLU A 19 8.81 -14.51 -15.14
C GLU A 19 9.58 -13.59 -16.12
N PRO A 20 10.21 -12.52 -15.61
CA PRO A 20 10.77 -11.56 -16.57
C PRO A 20 12.02 -12.05 -17.32
N ILE A 21 12.14 -11.55 -18.54
CA ILE A 21 13.25 -11.90 -19.43
C ILE A 21 14.16 -10.70 -19.60
N GLY A 22 13.53 -9.55 -19.80
CA GLY A 22 14.22 -8.28 -19.95
C GLY A 22 13.29 -7.07 -19.95
N LEU A 23 13.89 -5.90 -19.79
CA LEU A 23 13.15 -4.65 -19.78
C LEU A 23 13.04 -4.03 -21.18
N ILE A 24 12.03 -3.20 -21.40
CA ILE A 24 11.74 -2.68 -22.74
C ILE A 24 12.05 -1.19 -22.94
N ALA A 25 11.51 -0.35 -22.07
CA ALA A 25 11.60 1.09 -22.31
C ALA A 25 12.20 1.88 -21.16
N THR A 26 13.04 2.84 -21.54
CA THR A 26 13.53 3.85 -20.64
C THR A 26 12.95 5.18 -21.12
N VAL A 27 12.31 5.88 -20.21
CA VAL A 27 11.61 7.10 -20.57
C VAL A 27 11.94 8.21 -19.59
N ALA A 28 12.45 9.34 -20.09
CA ALA A 28 12.61 10.55 -19.29
C ALA A 28 11.46 11.51 -19.59
N VAL A 29 10.89 12.07 -18.54
CA VAL A 29 9.76 12.99 -18.69
C VAL A 29 10.07 14.33 -18.08
N LEU A 30 9.52 15.39 -18.66
CA LEU A 30 9.54 16.68 -18.02
C LEU A 30 8.17 16.91 -17.39
N VAL A 31 8.09 17.21 -16.10
CA VAL A 31 6.79 17.43 -15.49
C VAL A 31 6.66 18.81 -14.88
N GLU A 32 5.59 19.53 -15.25
CA GLU A 32 5.26 20.81 -14.64
C GLU A 32 3.96 20.71 -13.81
N LYS A 33 3.71 21.69 -12.95
CA LYS A 33 2.41 21.85 -12.30
C LYS A 33 1.34 21.69 -13.37
N PRO A 34 0.29 20.90 -13.07
CA PRO A 34 -0.05 20.30 -11.78
C PRO A 34 0.40 18.86 -11.58
N TYR A 35 1.47 18.43 -12.23
CA TYR A 35 2.13 17.17 -11.87
C TYR A 35 1.28 15.92 -12.00
N ARG A 36 0.51 15.82 -13.06
CA ARG A 36 -0.24 14.59 -13.30
C ARG A 36 0.27 13.92 -14.57
N SER A 37 1.06 14.65 -15.35
CA SER A 37 1.44 14.17 -16.66
C SER A 37 2.72 14.85 -17.15
N ALA A 38 3.13 14.53 -18.37
CA ALA A 38 4.44 14.95 -18.88
C ALA A 38 4.31 15.97 -19.99
N LYS A 39 5.06 17.05 -19.89
CA LYS A 39 5.07 18.12 -20.90
C LYS A 39 5.93 17.66 -22.07
N GLU A 40 6.92 16.84 -21.78
CA GLU A 40 7.84 16.37 -22.79
C GLU A 40 8.36 14.99 -22.41
N VAL A 41 8.71 14.18 -23.40
CA VAL A 41 9.12 12.80 -23.20
C VAL A 41 10.33 12.43 -24.08
N MET A 42 11.23 11.59 -23.55
CA MET A 42 12.28 10.97 -24.36
C MET A 42 12.28 9.46 -24.11
N VAL A 43 12.18 8.68 -25.18
CA VAL A 43 12.09 7.23 -25.09
C VAL A 43 13.32 6.55 -25.71
N LYS A 44 13.87 5.58 -24.99
CA LYS A 44 14.96 4.77 -25.50
C LYS A 44 14.62 3.30 -25.28
N TYR A 45 14.44 2.55 -26.36
CA TYR A 45 14.14 1.13 -26.24
C TYR A 45 15.40 0.29 -26.05
N ALA A 46 15.26 -0.74 -25.22
CA ALA A 46 16.32 -1.70 -25.00
C ALA A 46 16.01 -2.96 -25.73
N ASN A 47 16.92 -3.91 -25.64
CA ASN A 47 16.66 -5.25 -26.13
C ASN A 47 16.29 -6.14 -24.95
N PRO A 48 14.99 -6.40 -24.77
CA PRO A 48 14.52 -7.22 -23.65
C PRO A 48 15.06 -8.65 -23.74
N TYR A 49 15.33 -9.13 -24.94
CA TYR A 49 16.08 -10.36 -25.10
C TYR A 49 17.56 -9.96 -24.97
N ASP A 50 18.23 -10.40 -23.91
CA ASP A 50 19.58 -9.97 -23.51
C ASP A 50 19.57 -8.63 -22.75
N TYR A 51 18.94 -8.64 -21.58
CA TYR A 51 18.91 -7.46 -20.71
C TYR A 51 19.53 -7.80 -19.34
N ASP A 52 20.20 -6.86 -18.70
CA ASP A 52 20.71 -7.10 -17.33
C ASP A 52 19.62 -6.76 -16.29
N LEU A 53 19.11 -7.75 -15.57
CA LEU A 53 18.00 -7.50 -14.63
C LEU A 53 18.41 -7.19 -13.19
N THR A 54 19.70 -7.06 -12.92
CA THR A 54 20.13 -6.81 -11.55
C THR A 54 19.95 -5.36 -11.16
N GLY A 55 19.64 -4.48 -12.13
CA GLY A 55 19.39 -3.09 -11.85
C GLY A 55 20.41 -2.11 -12.42
N ARG A 56 21.64 -2.59 -12.61
CA ARG A 56 22.74 -1.80 -13.15
C ARG A 56 22.42 -1.13 -14.48
N GLN A 57 21.87 -1.89 -15.43
CA GLN A 57 21.52 -1.33 -16.75
C GLN A 57 20.36 -0.33 -16.69
N ALA A 58 19.34 -0.64 -15.89
CA ALA A 58 18.17 0.20 -15.83
C ALA A 58 18.51 1.55 -15.22
N ILE A 59 19.19 1.54 -14.09
CA ILE A 59 19.48 2.80 -13.41
C ILE A 59 20.46 3.63 -14.25
N ARG A 60 21.51 3.01 -14.77
CA ARG A 60 22.41 3.72 -15.67
C ARG A 60 21.68 4.33 -16.89
N ASP A 61 20.77 3.57 -17.48
CA ASP A 61 20.01 4.09 -18.61
C ASP A 61 19.14 5.29 -18.20
N GLU A 62 18.59 5.26 -16.97
CA GLU A 62 17.74 6.32 -16.44
C GLU A 62 18.50 7.65 -16.26
N VAL A 63 19.70 7.58 -15.69
CA VAL A 63 20.48 8.78 -15.42
C VAL A 63 20.93 9.43 -16.71
N LEU A 64 21.38 8.63 -17.67
CA LEU A 64 21.81 9.17 -18.96
C LEU A 64 20.64 9.79 -19.75
N LEU A 65 19.45 9.18 -19.73
CA LEU A 65 18.37 9.75 -20.51
C LEU A 65 17.91 11.05 -19.83
N ALA A 66 17.72 11.00 -18.51
CA ALA A 66 17.25 12.17 -17.79
C ALA A 66 18.19 13.35 -17.94
N ILE A 67 19.50 13.09 -17.92
CA ILE A 67 20.47 14.17 -18.05
C ILE A 67 20.38 14.80 -19.44
N GLU A 68 20.18 13.96 -20.44
CA GLU A 68 19.98 14.43 -21.78
C GLU A 68 18.76 15.38 -21.83
N LEU A 69 17.63 14.90 -21.32
CA LEU A 69 16.43 15.71 -21.40
C LEU A 69 16.60 16.94 -20.54
N ALA A 70 17.31 16.81 -19.41
CA ALA A 70 17.45 17.95 -18.50
C ALA A 70 18.32 19.07 -19.05
N ARG A 71 19.38 18.70 -19.78
CA ARG A 71 20.28 19.68 -20.36
C ARG A 71 19.54 20.52 -21.40
N LYS A 72 18.62 19.89 -22.09
CA LYS A 72 17.83 20.59 -23.08
C LYS A 72 16.78 21.52 -22.43
N VAL A 73 15.95 20.98 -21.53
CA VAL A 73 14.80 21.73 -21.01
C VAL A 73 15.04 22.44 -19.67
N LYS A 74 16.19 22.19 -19.05
CA LYS A 74 16.57 22.92 -17.84
C LYS A 74 15.56 22.89 -16.72
N PRO A 75 15.30 21.71 -16.15
CA PRO A 75 14.38 21.73 -15.01
C PRO A 75 15.06 22.29 -13.78
N ASP A 76 14.38 22.29 -12.65
CA ASP A 76 14.95 22.74 -11.39
C ASP A 76 15.78 21.63 -10.78
N VAL A 77 15.41 20.40 -11.13
CA VAL A 77 15.91 19.25 -10.44
C VAL A 77 15.52 18.01 -11.23
N ILE A 78 16.32 16.96 -11.07
CA ILE A 78 16.04 15.66 -11.65
C ILE A 78 15.69 14.68 -10.55
N HIS A 79 14.67 13.86 -10.77
CA HIS A 79 14.32 12.81 -9.80
C HIS A 79 14.78 11.42 -10.27
N LEU A 80 15.64 10.77 -9.50
CA LEU A 80 16.12 9.43 -9.84
C LEU A 80 15.31 8.37 -9.09
N ASP A 81 14.90 7.30 -9.78
CA ASP A 81 14.10 6.27 -9.14
C ASP A 81 14.94 5.32 -8.31
N SER A 82 15.40 5.79 -7.16
CA SER A 82 16.01 4.90 -6.20
C SER A 82 15.75 5.48 -4.83
N THR A 83 14.98 4.75 -4.02
CA THR A 83 14.52 5.22 -2.72
C THR A 83 15.63 5.28 -1.65
N LEU A 84 16.45 6.32 -1.71
CA LEU A 84 17.59 6.45 -0.79
C LEU A 84 17.42 7.69 0.10
N GLY A 85 16.21 8.24 0.14
CA GLY A 85 15.93 9.34 1.04
C GLY A 85 16.33 10.68 0.51
N GLY A 86 16.63 10.77 -0.78
CA GLY A 86 16.69 12.07 -1.42
C GLY A 86 18.09 12.61 -1.52
N ILE A 87 19.06 11.77 -1.22
CA ILE A 87 20.43 12.19 -1.30
C ILE A 87 20.80 12.41 -2.78
N GLU A 88 21.65 13.40 -3.02
CA GLU A 88 22.00 13.80 -4.36
C GLU A 88 23.04 12.85 -4.91
N LEU A 89 22.86 12.47 -6.17
CA LEU A 89 23.71 11.49 -6.81
C LEU A 89 25.16 11.95 -6.89
N ARG A 90 25.38 13.26 -6.99
CA ARG A 90 26.74 13.77 -7.06
C ARG A 90 27.49 13.53 -5.73
N LYS A 91 26.74 13.29 -4.66
CA LYS A 91 27.30 13.01 -3.36
C LYS A 91 27.29 11.52 -3.06
N LEU A 92 26.82 10.68 -3.99
CA LEU A 92 26.76 9.27 -3.66
C LEU A 92 28.10 8.59 -3.98
N ASP A 93 29.14 8.89 -3.20
CA ASP A 93 30.37 8.14 -3.33
C ASP A 93 30.19 6.83 -2.60
N GLU A 94 31.20 5.99 -2.72
CA GLU A 94 31.23 4.66 -2.12
C GLU A 94 31.08 4.69 -0.58
N PRO A 95 31.84 5.55 0.14
CA PRO A 95 31.62 5.52 1.59
C PRO A 95 30.23 6.02 2.00
N THR A 96 29.62 6.85 1.18
CA THR A 96 28.30 7.38 1.52
C THR A 96 27.27 6.27 1.29
N ILE A 97 27.56 5.41 0.32
CA ILE A 97 26.71 4.26 0.06
C ILE A 97 26.87 3.21 1.17
N ASP A 98 28.12 2.91 1.54
CA ASP A 98 28.41 1.90 2.56
C ASP A 98 27.79 2.29 3.90
N ALA A 99 27.46 3.56 4.06
CA ALA A 99 26.81 4.02 5.28
C ALA A 99 25.31 4.24 5.12
N LEU A 100 24.70 3.56 4.15
CA LEU A 100 23.26 3.69 3.93
C LEU A 100 22.52 2.54 4.58
N GLY A 101 21.23 2.73 4.82
CA GLY A 101 20.41 1.69 5.41
C GLY A 101 19.80 0.79 4.35
N ILE A 102 20.63 0.10 3.59
CA ILE A 102 20.11 -0.75 2.53
C ILE A 102 20.79 -2.11 2.50
N SER A 103 20.17 -3.05 1.80
CA SER A 103 20.68 -4.42 1.72
C SER A 103 22.09 -4.45 1.14
N ASP A 104 22.88 -5.44 1.56
CA ASP A 104 24.27 -5.56 1.14
C ASP A 104 24.36 -5.63 -0.38
N LYS A 105 23.36 -6.22 -1.01
CA LYS A 105 23.35 -6.31 -2.48
C LYS A 105 23.06 -4.91 -3.05
N GLY A 106 22.22 -4.15 -2.36
CA GLY A 106 21.94 -2.77 -2.72
C GLY A 106 23.21 -1.94 -2.74
N LYS A 107 23.96 -2.00 -1.65
CA LYS A 107 25.27 -1.37 -1.57
C LYS A 107 26.24 -1.85 -2.66
N GLU A 108 26.23 -3.16 -2.92
CA GLU A 108 27.09 -3.75 -3.95
C GLU A 108 26.80 -3.20 -5.36
N VAL A 109 25.52 -3.13 -5.73
CA VAL A 109 25.12 -2.61 -7.06
C VAL A 109 25.30 -1.09 -7.17
N TRP A 110 24.99 -0.34 -6.11
CA TRP A 110 25.05 1.13 -6.18
C TRP A 110 26.50 1.60 -6.23
N LYS A 111 27.35 0.98 -5.41
CA LYS A 111 28.76 1.31 -5.38
C LYS A 111 29.34 1.08 -6.77
N GLU A 112 28.87 0.04 -7.43
CA GLU A 112 29.35 -0.19 -8.76
C GLU A 112 28.82 0.84 -9.76
N LEU A 113 27.57 1.29 -9.60
CA LEU A 113 27.01 2.34 -10.45
C LEU A 113 27.64 3.69 -10.10
N SER A 114 28.01 3.81 -8.82
CA SER A 114 28.61 5.03 -8.33
C SER A 114 29.85 5.40 -9.13
N LYS A 115 30.71 4.42 -9.38
CA LYS A 115 31.99 4.62 -10.10
C LYS A 115 31.84 5.58 -11.27
N ASP A 116 30.85 5.35 -12.11
CA ASP A 116 30.63 6.20 -13.28
C ASP A 116 29.46 7.21 -13.14
N LEU A 117 28.41 6.87 -12.40
CA LEU A 117 27.27 7.80 -12.33
C LEU A 117 27.53 8.97 -11.40
N GLN A 118 28.28 8.75 -10.31
CA GLN A 118 28.52 9.82 -9.35
C GLN A 118 29.42 10.93 -9.94
N PRO A 119 30.47 10.56 -10.68
CA PRO A 119 31.15 11.71 -11.27
C PRO A 119 30.27 12.36 -12.34
N LEU A 120 29.46 11.55 -13.02
CA LEU A 120 28.60 12.11 -14.05
C LEU A 120 27.54 13.07 -13.46
N ALA A 121 27.03 12.78 -12.27
CA ALA A 121 26.13 13.71 -11.66
C ALA A 121 26.87 14.97 -11.23
N ARG A 122 28.12 14.83 -10.80
CA ARG A 122 28.86 15.97 -10.30
C ARG A 122 29.17 16.97 -11.42
N LYS A 123 29.62 16.45 -12.56
CA LYS A 123 29.94 17.29 -13.71
C LYS A 123 28.74 18.11 -14.17
N PHE A 124 27.61 17.42 -14.34
CA PHE A 124 26.37 18.05 -14.74
C PHE A 124 25.92 19.11 -13.74
N TRP A 125 26.16 18.86 -12.45
CA TRP A 125 25.76 19.84 -11.45
C TRP A 125 26.63 21.09 -11.54
N GLU A 126 27.95 20.90 -11.68
CA GLU A 126 28.90 22.03 -11.72
C GLU A 126 28.55 22.97 -12.84
N GLU A 127 27.90 22.46 -13.89
CA GLU A 127 27.62 23.36 -15.02
C GLU A 127 26.17 23.82 -15.11
N THR A 128 25.26 23.23 -14.35
CA THR A 128 23.86 23.67 -14.42
C THR A 128 23.22 24.01 -13.07
N ASN A 129 23.85 23.62 -11.98
CA ASN A 129 23.25 23.68 -10.64
C ASN A 129 22.11 22.65 -10.49
N ILE A 130 21.99 21.69 -11.42
CA ILE A 130 20.87 20.74 -11.35
C ILE A 130 21.21 19.45 -10.61
N GLU A 131 20.66 19.26 -9.41
CA GLU A 131 20.86 18.03 -8.65
C GLU A 131 20.15 16.83 -9.28
N ILE A 132 20.72 15.65 -9.09
CA ILE A 132 20.00 14.43 -9.40
C ILE A 132 19.71 13.78 -8.06
N VAL A 133 18.44 13.67 -7.65
CA VAL A 133 18.17 13.19 -6.28
C VAL A 133 17.51 11.81 -6.24
N ALA A 134 17.99 10.97 -5.33
CA ALA A 134 17.50 9.59 -5.23
C ALA A 134 16.32 9.56 -4.27
N ILE A 135 15.16 9.83 -4.82
CA ILE A 135 13.99 10.02 -4.02
C ILE A 135 13.13 8.79 -4.20
N GLY A 136 13.16 8.22 -5.40
CA GLY A 136 12.49 6.96 -5.62
C GLY A 136 10.98 7.04 -5.51
N LYS A 137 10.41 6.20 -4.65
CA LYS A 137 8.97 5.97 -4.73
C LYS A 137 8.13 7.14 -4.21
N SER A 138 8.76 8.15 -3.63
CA SER A 138 7.95 9.24 -3.11
C SER A 138 7.88 10.42 -4.10
N SER A 139 8.43 10.22 -5.30
CA SER A 139 8.38 11.23 -6.35
C SER A 139 7.23 10.99 -7.33
N VAL A 140 6.36 11.98 -7.51
CA VAL A 140 5.35 11.89 -8.54
C VAL A 140 5.94 11.86 -9.97
N PRO A 141 6.94 12.69 -10.28
CA PRO A 141 7.41 12.54 -11.68
C PRO A 141 7.94 11.14 -12.02
N VAL A 142 8.58 10.46 -11.06
CA VAL A 142 9.12 9.12 -11.30
C VAL A 142 7.95 8.20 -11.63
N ARG A 143 6.85 8.40 -10.94
CA ARG A 143 5.68 7.55 -11.18
C ARG A 143 5.12 7.83 -12.56
N ILE A 144 5.17 9.09 -12.98
CA ILE A 144 4.72 9.46 -14.32
C ILE A 144 5.64 8.83 -15.40
N ALA A 145 6.94 8.83 -15.14
CA ALA A 145 7.90 8.21 -16.04
C ALA A 145 7.59 6.71 -16.13
N GLU A 146 7.22 6.12 -15.00
CA GLU A 146 6.94 4.69 -14.93
C GLU A 146 5.73 4.41 -15.78
N ILE A 147 4.73 5.29 -15.65
CA ILE A 147 3.50 5.12 -16.40
C ILE A 147 3.82 5.26 -17.89
N TYR A 148 4.68 6.20 -18.25
CA TYR A 148 5.08 6.33 -19.63
C TYR A 148 5.88 5.12 -20.09
N ALA A 149 6.63 4.51 -19.17
CA ALA A 149 7.39 3.34 -19.55
C ALA A 149 6.40 2.26 -19.93
N GLY A 150 5.30 2.21 -19.20
CA GLY A 150 4.26 1.22 -19.44
C GLY A 150 3.64 1.47 -20.82
N ILE A 151 3.19 2.69 -21.01
CA ILE A 151 2.66 3.11 -22.28
C ILE A 151 3.59 2.73 -23.47
N TYR A 152 4.89 3.02 -23.38
CA TYR A 152 5.73 2.74 -24.52
C TYR A 152 6.10 1.29 -24.60
N SER A 153 5.80 0.51 -23.58
CA SER A 153 6.04 -0.90 -23.70
C SER A 153 4.86 -1.52 -24.43
N ALA A 154 3.68 -0.99 -24.18
CA ALA A 154 2.52 -1.43 -24.92
C ALA A 154 2.79 -1.16 -26.39
N LYS A 155 3.28 0.05 -26.67
CA LYS A 155 3.55 0.49 -28.04
C LYS A 155 4.61 -0.38 -28.69
N TRP A 156 5.62 -0.76 -27.92
CA TRP A 156 6.65 -1.65 -28.41
C TRP A 156 6.06 -3.04 -28.68
N GLY A 157 5.21 -3.53 -27.77
CA GLY A 157 4.55 -4.79 -27.99
C GLY A 157 3.79 -4.82 -29.29
N ILE A 158 2.87 -3.87 -29.45
CA ILE A 158 2.03 -3.75 -30.64
C ILE A 158 2.80 -3.79 -31.96
N GLU A 159 3.96 -3.12 -31.98
CA GLU A 159 4.77 -2.95 -33.18
C GLU A 159 5.82 -4.04 -33.38
N ASN A 160 5.85 -5.02 -32.49
CA ASN A 160 6.81 -6.11 -32.58
C ASN A 160 6.16 -7.49 -32.41
N VAL A 161 4.83 -7.50 -32.42
CA VAL A 161 4.10 -8.75 -32.29
C VAL A 161 4.12 -9.47 -33.64
N GLU A 162 4.63 -8.81 -34.67
CA GLU A 162 4.74 -9.44 -36.00
C GLU A 162 5.97 -10.32 -36.10
N LYS A 163 7.11 -9.78 -35.70
CA LYS A 163 8.34 -10.57 -35.61
C LYS A 163 8.07 -11.79 -34.73
N GLU A 164 7.68 -11.57 -33.48
CA GLU A 164 7.18 -12.66 -32.64
C GLU A 164 5.79 -13.07 -33.16
N GLY A 165 5.11 -13.99 -32.49
CA GLY A 165 3.73 -14.29 -32.85
C GLY A 165 2.81 -14.09 -31.66
N HIS A 166 3.44 -14.16 -30.49
CA HIS A 166 2.73 -14.02 -29.23
C HIS A 166 3.66 -13.17 -28.41
N LEU A 167 3.09 -12.37 -27.54
CA LEU A 167 3.93 -11.49 -26.75
C LEU A 167 3.31 -11.35 -25.38
N ILE A 168 4.08 -11.62 -24.35
CA ILE A 168 3.58 -11.46 -22.98
C ILE A 168 4.38 -10.36 -22.31
N ILE A 169 3.72 -9.24 -22.03
CA ILE A 169 4.36 -8.08 -21.42
C ILE A 169 3.86 -7.77 -20.00
N GLY A 170 4.80 -7.68 -19.07
CA GLY A 170 4.46 -7.28 -17.71
C GLY A 170 4.58 -5.77 -17.59
N LEU A 171 3.45 -5.11 -17.35
CA LEU A 171 3.40 -3.66 -17.13
C LEU A 171 3.96 -3.33 -15.74
N PRO A 172 4.36 -2.06 -15.54
CA PRO A 172 4.77 -1.60 -14.22
C PRO A 172 3.62 -1.65 -13.24
N ARG A 173 3.92 -1.44 -11.96
CA ARG A 173 2.93 -1.64 -10.89
C ARG A 173 1.60 -0.90 -11.06
N TYR A 174 0.53 -1.62 -10.72
CA TYR A 174 -0.88 -1.19 -10.87
C TYR A 174 -1.11 -0.06 -11.87
N MET A 175 -0.96 -0.39 -13.14
CA MET A 175 -1.36 0.54 -14.18
C MET A 175 -2.05 -0.25 -15.28
N GLU A 176 -2.87 0.44 -16.05
CA GLU A 176 -3.45 -0.19 -17.22
C GLU A 176 -3.12 0.62 -18.46
N VAL A 177 -3.53 0.07 -19.59
CA VAL A 177 -3.40 0.72 -20.88
C VAL A 177 -4.72 0.56 -21.63
N ASN A 178 -5.14 1.59 -22.32
CA ASN A 178 -6.25 1.48 -23.23
C ASN A 178 -5.80 2.01 -24.58
N ILE A 179 -6.25 1.36 -25.65
CA ILE A 179 -5.94 1.78 -27.00
C ILE A 179 -7.20 2.02 -27.81
N LYS A 180 -7.43 3.28 -28.18
CA LYS A 180 -8.57 3.66 -28.98
C LYS A 180 -8.11 4.69 -30.00
N ASP A 181 -8.62 4.61 -31.23
CA ASP A 181 -8.32 5.61 -32.25
C ASP A 181 -6.82 5.88 -32.49
N GLY A 182 -6.01 4.83 -32.50
CA GLY A 182 -4.58 4.99 -32.77
C GLY A 182 -3.76 5.67 -31.68
N LYS A 183 -4.14 5.54 -30.42
CA LYS A 183 -3.29 6.03 -29.34
C LYS A 183 -3.45 5.31 -28.02
N ILE A 184 -2.33 5.13 -27.34
CA ILE A 184 -2.29 4.42 -26.08
C ILE A 184 -2.48 5.41 -24.97
N ILE A 185 -3.40 5.11 -24.07
CA ILE A 185 -3.55 5.92 -22.87
C ILE A 185 -3.24 5.03 -21.69
N GLY A 186 -2.24 5.43 -20.90
CA GLY A 186 -1.92 4.72 -19.67
C GLY A 186 -2.41 5.51 -18.48
N ARG A 187 -2.94 4.79 -17.50
CA ARG A 187 -3.38 5.38 -16.23
C ARG A 187 -3.05 4.51 -15.04
N SER A 188 -2.62 5.16 -13.95
CA SER A 188 -2.45 4.48 -12.69
C SER A 188 -3.78 3.89 -12.19
N LEU A 189 -3.73 2.68 -11.64
CA LEU A 189 -4.89 2.09 -10.99
C LEU A 189 -4.97 2.54 -9.51
N ASP A 190 -4.00 3.33 -9.07
CA ASP A 190 -3.96 3.75 -7.66
C ASP A 190 -4.65 5.08 -7.51
N PRO A 191 -5.83 5.09 -6.84
CA PRO A 191 -6.59 6.34 -6.62
C PRO A 191 -5.82 7.27 -5.69
N ARG A 192 -5.07 6.68 -4.75
CA ARG A 192 -4.26 7.43 -3.79
C ARG A 192 -3.26 8.38 -4.46
N GLU A 193 -2.95 8.15 -5.74
CA GLU A 193 -1.91 8.92 -6.42
C GLU A 193 -2.41 10.24 -7.06
N GLY A 194 -3.71 10.31 -7.36
CA GLY A 194 -4.26 11.56 -7.84
C GLY A 194 -4.42 11.71 -9.36
N GLY A 195 -4.71 10.60 -10.05
CA GLY A 195 -5.03 10.64 -11.47
C GLY A 195 -3.85 10.95 -12.37
N LEU A 196 -2.80 10.15 -12.27
CA LEU A 196 -1.64 10.32 -13.16
C LEU A 196 -1.91 9.60 -14.48
N TYR A 197 -1.48 10.16 -15.59
CA TYR A 197 -1.77 9.55 -16.88
C TYR A 197 -0.69 9.95 -17.89
N GLY A 198 -0.67 9.26 -19.03
CA GLY A 198 0.13 9.67 -20.16
C GLY A 198 -0.48 9.13 -21.45
N SER A 199 0.14 9.44 -22.58
CA SER A 199 -0.31 8.86 -23.83
C SER A 199 0.77 8.86 -24.90
N ALA A 200 0.62 7.95 -25.86
CA ALA A 200 1.52 7.83 -26.99
C ALA A 200 0.74 7.42 -28.21
N GLU A 201 1.15 7.84 -29.38
CA GLU A 201 0.45 7.42 -30.59
C GLU A 201 0.89 6.02 -30.97
N VAL A 202 -0.03 5.20 -31.44
CA VAL A 202 0.35 3.86 -31.85
C VAL A 202 -0.36 3.54 -33.16
N SER A 203 0.25 2.64 -33.92
CA SER A 203 -0.31 2.21 -35.19
C SER A 203 -0.57 0.72 -35.10
N VAL A 204 -1.82 0.35 -34.85
CA VAL A 204 -2.16 -1.05 -34.63
C VAL A 204 -2.42 -1.81 -35.92
N PRO A 205 -1.53 -2.77 -36.25
CA PRO A 205 -1.64 -3.59 -37.46
C PRO A 205 -2.85 -4.52 -37.39
N GLU A 206 -3.79 -4.37 -38.33
CA GLU A 206 -5.08 -5.08 -38.29
C GLU A 206 -4.90 -6.57 -38.01
N GLY A 207 -5.85 -7.17 -37.31
CA GLY A 207 -5.69 -8.56 -36.94
C GLY A 207 -5.00 -8.79 -35.61
N VAL A 208 -4.19 -7.84 -35.12
CA VAL A 208 -3.54 -8.05 -33.82
C VAL A 208 -4.48 -7.64 -32.67
N LYS A 209 -4.58 -8.54 -31.69
CA LYS A 209 -5.47 -8.37 -30.55
C LYS A 209 -4.63 -8.26 -29.28
N TRP A 210 -5.24 -7.83 -28.18
CA TRP A 210 -4.56 -7.79 -26.90
C TRP A 210 -5.54 -7.94 -25.75
N GLU A 211 -5.01 -8.16 -24.58
CA GLU A 211 -5.80 -8.50 -23.42
C GLU A 211 -5.01 -8.08 -22.19
N ILE A 212 -5.71 -7.52 -21.21
CA ILE A 212 -5.10 -7.16 -19.93
C ILE A 212 -5.70 -7.99 -18.80
N TYR A 213 -4.83 -8.59 -17.98
CA TYR A 213 -5.29 -9.32 -16.81
C TYR A 213 -4.19 -9.38 -15.75
N PRO A 214 -4.52 -9.78 -14.51
CA PRO A 214 -3.42 -9.82 -13.54
C PRO A 214 -2.39 -10.87 -13.90
N ASN A 215 -1.15 -10.52 -13.54
CA ASN A 215 -0.06 -11.44 -13.51
C ASN A 215 -0.21 -12.30 -12.26
N PRO A 216 -0.43 -13.60 -12.42
CA PRO A 216 -0.63 -14.46 -11.25
C PRO A 216 0.60 -14.56 -10.35
N VAL A 217 1.77 -14.26 -10.89
CA VAL A 217 2.97 -14.48 -10.12
C VAL A 217 3.57 -13.17 -9.59
N ALA A 218 2.87 -12.06 -9.80
CA ALA A 218 3.30 -10.76 -9.28
C ALA A 218 2.10 -9.91 -8.91
N ARG A 219 1.57 -10.10 -7.71
CA ARG A 219 0.35 -9.39 -7.32
C ARG A 219 0.53 -7.88 -7.53
N ARG A 220 -0.56 -7.24 -7.99
CA ARG A 220 -0.63 -5.79 -8.22
C ARG A 220 -0.03 -5.38 -9.58
N PHE A 221 0.39 -6.36 -10.39
CA PHE A 221 0.92 -6.08 -11.72
C PHE A 221 0.03 -6.71 -12.79
N MET A 222 -0.12 -6.01 -13.90
CA MET A 222 -0.96 -6.48 -14.97
C MET A 222 -0.14 -7.05 -16.14
N ILE A 223 -0.70 -8.06 -16.80
CA ILE A 223 -0.17 -8.60 -18.03
C ILE A 223 -0.84 -7.91 -19.23
N PHE A 224 -0.02 -7.43 -20.16
CA PHE A 224 -0.48 -6.98 -21.45
C PHE A 224 -0.04 -8.07 -22.46
N GLU A 225 -0.98 -8.95 -22.81
CA GLU A 225 -0.75 -10.09 -23.69
C GLU A 225 -1.24 -9.70 -25.07
N ILE A 226 -0.42 -9.89 -26.08
CA ILE A 226 -0.86 -9.55 -27.43
C ILE A 226 -0.58 -10.64 -28.46
N PHE A 227 -1.65 -10.95 -29.19
CA PHE A 227 -1.63 -11.98 -30.22
C PHE A 227 -1.44 -11.38 -31.61
N SER A 228 -0.59 -12.03 -32.39
CA SER A 228 -0.31 -11.62 -33.75
C SER A 228 -1.47 -11.89 -34.67
N LYS A 229 -1.63 -10.97 -35.64
CA LYS A 229 -2.67 -11.00 -36.64
C LYS A 229 -2.87 -12.39 -37.25
N ARG A 230 -3.51 -13.27 -36.49
CA ARG A 230 -3.84 -14.62 -36.91
C ARG A 230 -5.08 -15.09 -36.13
N MET B 1 -21.39 -0.13 21.94
CA MET B 1 -20.16 -0.77 21.48
C MET B 1 -18.97 0.16 21.72
N MET B 2 -17.76 -0.38 21.62
CA MET B 2 -16.51 0.37 21.79
C MET B 2 -16.58 1.81 21.23
N ARG B 3 -16.53 2.79 22.13
CA ARG B 3 -16.40 4.19 21.72
C ARG B 3 -14.93 4.65 21.94
N ILE B 4 -14.40 5.40 20.97
CA ILE B 4 -12.98 5.71 20.95
C ILE B 4 -12.69 7.20 20.76
N VAL B 5 -11.72 7.73 21.51
CA VAL B 5 -11.22 9.06 21.20
C VAL B 5 -9.82 8.93 20.56
N ALA B 6 -9.56 9.72 19.53
CA ALA B 6 -8.23 9.65 18.89
C ALA B 6 -7.85 11.01 18.40
N ALA B 7 -6.57 11.29 18.40
CA ALA B 7 -6.13 12.61 17.99
C ALA B 7 -5.10 12.49 16.92
N ASP B 8 -4.92 13.58 16.19
CA ASP B 8 -3.88 13.61 15.20
C ASP B 8 -3.50 15.04 14.87
N THR B 9 -2.24 15.22 14.53
CA THR B 9 -1.73 16.47 14.02
C THR B 9 -1.43 16.23 12.56
N GLY B 10 -1.95 17.09 11.69
CA GLY B 10 -1.73 16.93 10.26
C GLY B 10 -1.85 18.26 9.54
N GLY B 11 -1.53 18.26 8.24
CA GLY B 11 -1.52 19.45 7.42
C GLY B 11 -0.23 20.19 7.63
N ALA B 12 0.41 20.64 6.54
CA ALA B 12 1.63 21.43 6.68
C ALA B 12 1.69 22.62 5.73
N VAL B 13 2.19 23.74 6.23
CA VAL B 13 2.53 24.85 5.36
C VAL B 13 3.85 24.49 4.68
N LEU B 14 3.89 24.60 3.35
CA LEU B 14 5.07 24.16 2.62
C LEU B 14 5.75 25.39 2.04
N ASP B 15 7.06 25.29 1.84
CA ASP B 15 7.78 26.31 1.10
C ASP B 15 7.64 26.03 -0.41
N GLU B 16 8.15 26.96 -1.23
CA GLU B 16 7.97 26.90 -2.69
C GLU B 16 8.73 25.70 -3.30
N THR B 17 9.35 24.92 -2.42
CA THR B 17 10.11 23.73 -2.74
C THR B 17 9.33 22.46 -2.36
N PHE B 18 8.17 22.70 -1.74
CA PHE B 18 7.24 21.67 -1.25
C PHE B 18 7.80 20.94 -0.04
N GLU B 19 8.66 21.63 0.69
CA GLU B 19 9.22 21.12 1.93
C GLU B 19 8.40 21.68 3.09
N PRO B 20 8.02 20.81 4.06
CA PRO B 20 7.20 21.26 5.18
C PRO B 20 7.94 22.22 6.08
N ILE B 21 7.25 23.27 6.51
CA ILE B 21 7.81 24.21 7.46
C ILE B 21 7.25 23.96 8.86
N GLY B 22 5.96 23.67 8.91
CA GLY B 22 5.33 23.44 10.18
C GLY B 22 3.98 22.80 10.01
N LEU B 23 3.48 22.20 11.08
CA LEU B 23 2.17 21.55 11.04
C LEU B 23 1.10 22.59 11.34
N ILE B 24 -0.15 22.27 11.02
CA ILE B 24 -1.19 23.28 11.15
C ILE B 24 -2.20 22.95 12.25
N ALA B 25 -2.75 21.74 12.24
CA ALA B 25 -3.97 21.43 12.98
C ALA B 25 -3.89 20.10 13.74
N THR B 26 -4.14 20.16 15.03
CA THR B 26 -4.30 18.97 15.83
C THR B 26 -5.78 18.77 16.07
N VAL B 27 -6.27 17.56 15.81
CA VAL B 27 -7.68 17.33 15.99
C VAL B 27 -7.90 16.11 16.86
N ALA B 28 -8.83 16.20 17.79
CA ALA B 28 -9.30 14.99 18.45
C ALA B 28 -10.75 14.72 18.02
N VAL B 29 -11.07 13.46 17.81
CA VAL B 29 -12.38 13.06 17.39
C VAL B 29 -12.90 11.93 18.28
N LEU B 30 -14.21 11.85 18.46
CA LEU B 30 -14.85 10.69 19.07
C LEU B 30 -15.49 9.87 17.94
N VAL B 31 -15.18 8.58 17.89
CA VAL B 31 -15.69 7.73 16.84
C VAL B 31 -16.48 6.57 17.42
N GLU B 32 -17.75 6.51 17.02
CA GLU B 32 -18.63 5.43 17.46
C GLU B 32 -18.99 4.58 16.26
N LYS B 33 -19.57 3.41 16.52
CA LYS B 33 -20.03 2.51 15.47
C LYS B 33 -20.88 3.27 14.46
N PRO B 34 -20.74 2.99 13.15
CA PRO B 34 -19.94 1.98 12.45
C PRO B 34 -18.54 2.41 12.10
N TYR B 35 -18.05 3.47 12.75
CA TYR B 35 -16.67 3.93 12.63
C TYR B 35 -16.29 4.46 11.25
N ARG B 36 -17.13 5.30 10.67
CA ARG B 36 -16.84 5.88 9.37
C ARG B 36 -16.45 7.36 9.50
N SER B 37 -16.88 8.00 10.59
CA SER B 37 -16.74 9.45 10.75
C SER B 37 -16.77 9.86 12.24
N ALA B 38 -16.77 11.17 12.51
CA ALA B 38 -16.62 11.70 13.85
C ALA B 38 -17.92 12.21 14.47
N LYS B 39 -18.22 11.75 15.68
CA LYS B 39 -19.39 12.24 16.37
C LYS B 39 -19.11 13.61 16.95
N GLU B 40 -17.91 13.75 17.53
CA GLU B 40 -17.49 15.03 18.09
C GLU B 40 -16.06 15.34 17.70
N VAL B 41 -15.73 16.63 17.70
CA VAL B 41 -14.45 17.13 17.23
C VAL B 41 -13.90 18.23 18.13
N MET B 42 -12.59 18.21 18.38
CA MET B 42 -11.91 19.33 19.01
C MET B 42 -10.78 19.75 18.09
N VAL B 43 -10.54 21.05 17.98
CA VAL B 43 -9.46 21.53 17.12
C VAL B 43 -8.52 22.48 17.84
N LYS B 44 -7.24 22.17 17.79
CA LYS B 44 -6.24 23.10 18.29
C LYS B 44 -5.24 23.39 17.16
N TYR B 45 -5.27 24.62 16.64
CA TYR B 45 -4.31 25.06 15.65
C TYR B 45 -2.92 25.31 16.28
N ALA B 46 -1.87 25.04 15.50
CA ALA B 46 -0.52 25.41 15.92
C ALA B 46 -0.08 26.67 15.20
N ASN B 47 1.12 27.11 15.50
CA ASN B 47 1.76 28.12 14.67
C ASN B 47 2.70 27.43 13.70
N PRO B 48 2.26 27.29 12.46
CA PRO B 48 3.06 26.54 11.49
C PRO B 48 4.41 27.19 11.24
N TYR B 49 4.52 28.47 11.52
CA TYR B 49 5.77 29.19 11.27
C TYR B 49 6.77 29.16 12.44
N ASP B 50 6.37 28.48 13.51
CA ASP B 50 7.23 28.28 14.67
C ASP B 50 6.94 26.85 15.17
N TYR B 51 7.24 25.86 14.33
CA TYR B 51 6.83 24.50 14.64
C TYR B 51 7.97 23.50 14.68
N ASP B 52 7.87 22.55 15.61
CA ASP B 52 8.87 21.50 15.79
C ASP B 52 8.53 20.22 15.00
N LEU B 53 9.33 19.89 14.01
CA LEU B 53 9.00 18.73 13.16
C LEU B 53 9.59 17.39 13.64
N THR B 54 10.36 17.40 14.71
CA THR B 54 10.98 16.17 15.17
C THR B 54 9.95 15.12 15.59
N GLY B 55 8.72 15.57 15.84
CA GLY B 55 7.66 14.68 16.30
C GLY B 55 7.23 14.98 17.72
N ARG B 56 8.13 15.60 18.50
CA ARG B 56 7.87 15.96 19.90
C ARG B 56 6.59 16.77 20.10
N GLN B 57 6.52 17.90 19.42
CA GLN B 57 5.43 18.84 19.65
C GLN B 57 4.09 18.25 19.20
N ALA B 58 4.12 17.54 18.08
CA ALA B 58 2.93 16.92 17.51
C ALA B 58 2.34 15.87 18.46
N ILE B 59 3.18 14.95 18.92
CA ILE B 59 2.71 13.85 19.77
C ILE B 59 2.13 14.34 21.10
N ARG B 60 2.74 15.38 21.66
CA ARG B 60 2.33 15.89 22.96
C ARG B 60 0.98 16.61 22.84
N ASP B 61 0.89 17.53 21.89
CA ASP B 61 -0.35 18.24 21.66
C ASP B 61 -1.51 17.30 21.39
N GLU B 62 -1.19 16.17 20.77
CA GLU B 62 -2.15 15.11 20.50
C GLU B 62 -2.67 14.41 21.75
N VAL B 63 -1.78 14.03 22.66
CA VAL B 63 -2.19 13.38 23.91
C VAL B 63 -3.02 14.38 24.70
N LEU B 64 -2.61 15.64 24.67
CA LEU B 64 -3.28 16.61 25.51
C LEU B 64 -4.69 16.80 25.02
N LEU B 65 -4.86 17.10 23.73
CA LEU B 65 -6.19 17.30 23.21
C LEU B 65 -7.02 16.04 23.34
N ALA B 66 -6.41 14.88 23.22
CA ALA B 66 -7.23 13.67 23.33
C ALA B 66 -7.79 13.48 24.74
N ILE B 67 -6.95 13.70 25.77
CA ILE B 67 -7.33 13.55 27.17
C ILE B 67 -8.46 14.51 27.50
N GLU B 68 -8.30 15.74 27.04
CA GLU B 68 -9.31 16.77 27.18
C GLU B 68 -10.65 16.32 26.59
N LEU B 69 -10.65 15.91 25.33
CA LEU B 69 -11.89 15.46 24.73
C LEU B 69 -12.40 14.22 25.44
N ALA B 70 -11.50 13.30 25.81
CA ALA B 70 -11.91 12.08 26.49
C ALA B 70 -12.45 12.38 27.88
N ARG B 71 -12.13 13.56 28.39
CA ARG B 71 -12.49 13.91 29.75
C ARG B 71 -13.96 14.28 29.69
N LYS B 72 -14.34 14.84 28.55
CA LYS B 72 -15.70 15.30 28.33
C LYS B 72 -16.67 14.23 27.79
N VAL B 73 -16.24 13.38 26.88
CA VAL B 73 -17.16 12.38 26.34
C VAL B 73 -16.93 10.99 26.95
N LYS B 74 -16.00 10.92 27.90
CA LYS B 74 -15.62 9.67 28.56
C LYS B 74 -15.77 8.40 27.73
N PRO B 75 -14.81 8.13 26.82
CA PRO B 75 -14.82 6.95 25.94
C PRO B 75 -14.26 5.71 26.61
N ASP B 76 -14.26 4.61 25.87
CA ASP B 76 -13.69 3.35 26.36
C ASP B 76 -12.17 3.33 26.33
N VAL B 77 -11.60 4.16 25.45
CA VAL B 77 -10.17 4.09 25.22
C VAL B 77 -9.76 5.26 24.32
N ILE B 78 -8.50 5.67 24.42
CA ILE B 78 -7.96 6.65 23.49
C ILE B 78 -6.92 5.98 22.61
N HIS B 79 -7.04 6.23 21.31
CA HIS B 79 -6.08 5.75 20.32
C HIS B 79 -5.03 6.80 20.02
N LEU B 80 -3.77 6.46 20.26
CA LEU B 80 -2.67 7.38 20.02
C LEU B 80 -1.98 7.09 18.68
N ASP B 81 -1.71 8.13 17.90
CA ASP B 81 -1.04 7.93 16.60
C ASP B 81 0.47 7.67 16.73
N SER B 82 0.83 6.48 17.18
CA SER B 82 2.22 6.07 17.15
C SER B 82 2.30 4.56 17.22
N THR B 83 2.94 3.93 16.24
CA THR B 83 2.83 2.48 16.06
C THR B 83 3.77 1.67 16.89
N LEU B 84 3.32 1.37 18.10
CA LEU B 84 4.12 0.66 19.09
C LEU B 84 3.55 -0.73 19.33
N GLY B 85 2.51 -1.05 18.58
CA GLY B 85 1.85 -2.33 18.70
C GLY B 85 0.81 -2.28 19.79
N GLY B 86 0.33 -1.09 20.10
CA GLY B 86 -0.83 -0.92 20.94
C GLY B 86 -0.53 -1.02 22.42
N ILE B 87 0.74 -0.75 22.76
CA ILE B 87 1.14 -0.68 24.16
C ILE B 87 0.49 0.54 24.79
N GLU B 88 0.23 0.49 26.09
CA GLU B 88 -0.38 1.62 26.78
C GLU B 88 0.63 2.69 27.12
N LEU B 89 0.25 3.94 26.91
CA LEU B 89 1.16 5.05 27.16
C LEU B 89 1.52 5.04 28.64
N ARG B 90 0.54 4.66 29.44
CA ARG B 90 0.71 4.37 30.85
C ARG B 90 1.96 3.54 31.16
N LYS B 91 2.22 2.52 30.35
CA LYS B 91 3.28 1.58 30.66
C LYS B 91 4.59 1.92 29.96
N LEU B 92 4.67 3.13 29.41
CA LEU B 92 5.81 3.54 28.59
C LEU B 92 6.89 4.24 29.40
N ASP B 93 7.51 3.50 30.31
CA ASP B 93 8.71 3.95 31.00
C ASP B 93 9.89 3.81 30.05
N GLU B 94 11.02 4.43 30.40
CA GLU B 94 12.24 4.33 29.58
C GLU B 94 12.69 2.88 29.31
N PRO B 95 12.58 1.97 30.30
CA PRO B 95 13.07 0.64 29.94
C PRO B 95 12.20 -0.14 28.94
N THR B 96 10.91 0.11 28.88
CA THR B 96 10.07 -0.66 27.97
C THR B 96 10.24 -0.15 26.53
N ILE B 97 10.59 1.12 26.40
CA ILE B 97 10.87 1.76 25.11
C ILE B 97 12.05 1.10 24.41
N ASP B 98 13.07 0.74 25.19
CA ASP B 98 14.22 0.00 24.69
C ASP B 98 13.82 -1.36 24.14
N ALA B 99 12.68 -1.87 24.60
CA ALA B 99 12.19 -3.18 24.18
C ALA B 99 11.50 -3.12 22.82
N LEU B 100 10.86 -1.99 22.52
CA LEU B 100 10.11 -1.83 21.28
C LEU B 100 10.98 -2.00 20.04
N GLY B 101 10.45 -2.65 19.02
CA GLY B 101 11.22 -2.84 17.80
C GLY B 101 11.05 -1.68 16.86
N ILE B 102 11.71 -0.55 17.14
CA ILE B 102 11.62 0.64 16.28
C ILE B 102 12.99 1.31 16.08
N SER B 103 13.04 2.37 15.28
CA SER B 103 14.30 3.09 15.04
C SER B 103 14.88 3.68 16.33
N ASP B 104 16.21 3.81 16.37
CA ASP B 104 16.89 4.28 17.58
C ASP B 104 16.69 5.79 17.74
N LYS B 105 16.37 6.48 16.66
CA LYS B 105 15.97 7.87 16.81
C LYS B 105 14.56 7.91 17.38
N GLY B 106 13.74 6.93 16.98
CA GLY B 106 12.40 6.78 17.52
C GLY B 106 12.39 6.39 18.99
N LYS B 107 13.17 5.37 19.35
CA LYS B 107 13.37 4.99 20.74
C LYS B 107 13.91 6.14 21.55
N GLU B 108 14.43 7.17 20.87
CA GLU B 108 15.08 8.27 21.56
C GLU B 108 14.11 9.44 21.74
N VAL B 109 13.25 9.71 20.74
CA VAL B 109 12.23 10.74 20.91
C VAL B 109 11.18 10.28 21.91
N TRP B 110 10.97 8.98 21.99
CA TRP B 110 9.95 8.47 22.89
C TRP B 110 10.39 8.45 24.34
N LYS B 111 11.69 8.41 24.61
CA LYS B 111 12.16 8.56 25.98
C LYS B 111 11.92 9.97 26.50
N GLU B 112 12.26 10.97 25.69
CA GLU B 112 12.04 12.35 26.08
C GLU B 112 10.55 12.62 26.30
N LEU B 113 9.72 12.03 25.45
CA LEU B 113 8.29 12.22 25.54
C LEU B 113 7.74 11.53 26.77
N SER B 114 8.24 10.32 27.00
CA SER B 114 7.84 9.49 28.13
C SER B 114 8.08 10.19 29.46
N LYS B 115 9.06 11.09 29.48
CA LYS B 115 9.40 11.82 30.69
C LYS B 115 8.17 12.39 31.36
N ASP B 116 7.36 13.12 30.59
CA ASP B 116 6.18 13.79 31.12
C ASP B 116 4.85 13.14 30.66
N LEU B 117 4.88 12.39 29.56
CA LEU B 117 3.65 11.79 28.99
C LEU B 117 3.28 10.48 29.67
N GLN B 118 4.27 9.69 30.07
CA GLN B 118 3.95 8.46 30.78
C GLN B 118 3.25 8.78 32.12
N PRO B 119 3.80 9.73 32.92
CA PRO B 119 3.05 10.04 34.14
C PRO B 119 1.66 10.62 33.86
N LEU B 120 1.57 11.45 32.84
CA LEU B 120 0.30 12.06 32.44
C LEU B 120 -0.78 11.00 32.18
N ALA B 121 -0.41 10.00 31.38
CA ALA B 121 -1.29 8.94 30.99
C ALA B 121 -1.70 8.03 32.15
N ARG B 122 -0.86 7.99 33.19
CA ARG B 122 -1.07 7.13 34.36
C ARG B 122 -2.12 7.76 35.25
N LYS B 123 -1.90 9.03 35.57
CA LYS B 123 -2.82 9.81 36.36
C LYS B 123 -4.22 9.68 35.78
N PHE B 124 -4.31 9.92 34.48
CA PHE B 124 -5.58 9.88 33.77
C PHE B 124 -6.22 8.49 33.89
N TRP B 125 -5.43 7.45 33.66
CA TRP B 125 -5.94 6.09 33.76
C TRP B 125 -6.43 5.77 35.19
N GLU B 126 -5.60 6.06 36.20
CA GLU B 126 -6.03 5.93 37.61
C GLU B 126 -7.40 6.56 37.88
N GLU B 127 -7.67 7.66 37.18
CA GLU B 127 -8.79 8.54 37.41
C GLU B 127 -10.03 8.15 36.59
N THR B 128 -9.85 7.46 35.46
CA THR B 128 -10.97 7.19 34.53
C THR B 128 -11.04 5.76 34.01
N ASN B 129 -9.95 5.01 34.16
CA ASN B 129 -9.81 3.66 33.60
C ASN B 129 -9.64 3.74 32.09
N ILE B 130 -9.47 4.95 31.55
CA ILE B 130 -9.22 5.11 30.12
C ILE B 130 -7.73 4.98 29.71
N GLU B 131 -7.40 3.88 29.04
CA GLU B 131 -6.07 3.68 28.45
C GLU B 131 -5.80 4.60 27.26
N ILE B 132 -4.57 5.07 27.14
CA ILE B 132 -4.14 5.77 25.92
C ILE B 132 -3.25 4.82 25.15
N VAL B 133 -3.74 4.32 24.02
CA VAL B 133 -3.09 3.22 23.29
C VAL B 133 -2.30 3.67 22.05
N ALA B 134 -1.03 3.28 22.01
CA ALA B 134 -0.15 3.65 20.91
C ALA B 134 -0.34 2.65 19.77
N ILE B 135 -1.35 2.90 18.94
CA ILE B 135 -1.76 1.92 17.96
C ILE B 135 -1.38 2.36 16.53
N GLY B 136 -1.32 3.68 16.31
CA GLY B 136 -0.89 4.24 15.04
C GLY B 136 -1.71 3.85 13.81
N LYS B 137 -1.08 3.13 12.89
CA LYS B 137 -1.63 2.88 11.56
C LYS B 137 -2.94 2.12 11.60
N SER B 138 -3.06 1.14 12.49
CA SER B 138 -4.18 0.22 12.39
C SER B 138 -5.46 0.74 13.03
N SER B 139 -5.42 1.98 13.51
CA SER B 139 -6.61 2.56 14.10
C SER B 139 -7.39 3.38 13.10
N VAL B 140 -8.64 3.02 12.88
CA VAL B 140 -9.51 3.80 12.01
C VAL B 140 -9.80 5.18 12.61
N PRO B 141 -10.02 5.25 13.95
CA PRO B 141 -10.24 6.61 14.47
C PRO B 141 -9.05 7.53 14.25
N VAL B 142 -7.83 7.01 14.41
CA VAL B 142 -6.63 7.79 14.16
C VAL B 142 -6.67 8.34 12.72
N ARG B 143 -7.10 7.49 11.80
CA ARG B 143 -7.22 7.89 10.41
C ARG B 143 -8.38 8.88 10.21
N ILE B 144 -9.46 8.73 10.96
CA ILE B 144 -10.52 9.73 10.90
C ILE B 144 -10.04 11.11 11.41
N ALA B 145 -9.28 11.11 12.50
CA ALA B 145 -8.70 12.35 12.96
C ALA B 145 -7.86 13.00 11.86
N GLU B 146 -6.97 12.21 11.27
CA GLU B 146 -6.09 12.66 10.18
C GLU B 146 -6.89 13.44 9.11
N ILE B 147 -7.99 12.83 8.67
CA ILE B 147 -8.87 13.42 7.66
C ILE B 147 -9.43 14.74 8.17
N TYR B 148 -9.78 14.81 9.45
CA TYR B 148 -10.29 16.08 10.00
C TYR B 148 -9.16 17.07 10.15
N ALA B 149 -7.96 16.55 10.43
CA ALA B 149 -6.81 17.43 10.51
C ALA B 149 -6.62 18.07 9.15
N GLY B 150 -6.80 17.29 8.08
CA GLY B 150 -6.64 17.82 6.76
C GLY B 150 -7.71 18.83 6.46
N ILE B 151 -8.94 18.47 6.78
CA ILE B 151 -10.09 19.35 6.58
C ILE B 151 -9.93 20.71 7.27
N TYR B 152 -9.40 20.71 8.49
CA TYR B 152 -9.25 21.97 9.26
C TYR B 152 -7.97 22.67 8.89
N SER B 153 -7.04 21.93 8.29
CA SER B 153 -5.89 22.54 7.66
C SER B 153 -6.37 23.41 6.51
N ALA B 154 -7.30 22.88 5.72
CA ALA B 154 -7.88 23.63 4.59
C ALA B 154 -8.64 24.86 5.07
N LYS B 155 -9.45 24.66 6.12
CA LYS B 155 -10.15 25.76 6.76
C LYS B 155 -9.19 26.82 7.26
N TRP B 156 -8.05 26.39 7.80
CA TRP B 156 -7.09 27.34 8.33
C TRP B 156 -6.46 28.17 7.21
N GLY B 157 -6.22 27.53 6.07
CA GLY B 157 -5.58 28.24 4.97
C GLY B 157 -6.54 29.21 4.30
N ILE B 158 -7.82 28.84 4.26
CA ILE B 158 -8.79 29.74 3.71
C ILE B 158 -8.92 30.99 4.58
N GLU B 159 -8.98 30.82 5.90
CA GLU B 159 -9.13 31.96 6.79
C GLU B 159 -7.79 32.61 7.17
N ASN B 160 -6.74 32.30 6.42
CA ASN B 160 -5.44 32.91 6.67
C ASN B 160 -4.79 33.47 5.43
N VAL B 161 -5.31 33.10 4.26
CA VAL B 161 -4.69 33.45 2.99
C VAL B 161 -4.72 34.95 2.67
N GLU B 162 -5.63 35.70 3.30
CA GLU B 162 -5.70 37.15 3.06
C GLU B 162 -4.53 37.86 3.73
N LYS B 163 -4.24 37.50 4.97
CA LYS B 163 -3.11 38.08 5.69
C LYS B 163 -1.77 37.59 5.17
N GLU B 164 -1.71 36.35 4.70
CA GLU B 164 -0.43 35.78 4.27
C GLU B 164 -0.22 35.89 2.77
N GLY B 165 -1.30 36.10 2.03
CA GLY B 165 -1.21 36.34 0.59
C GLY B 165 -1.37 35.09 -0.24
N HIS B 166 -0.53 34.10 0.02
CA HIS B 166 -0.49 32.86 -0.74
C HIS B 166 -0.10 31.70 0.18
N LEU B 167 -0.89 30.63 0.21
CA LEU B 167 -0.56 29.50 1.05
C LEU B 167 -0.47 28.21 0.26
N ILE B 168 0.69 27.56 0.31
CA ILE B 168 0.84 26.23 -0.25
C ILE B 168 0.67 25.27 0.91
N ILE B 169 -0.39 24.49 0.91
CA ILE B 169 -0.63 23.56 2.00
C ILE B 169 -0.66 22.12 1.55
N GLY B 170 0.19 21.30 2.17
CA GLY B 170 0.20 19.88 1.93
C GLY B 170 -0.75 19.18 2.88
N LEU B 171 -1.69 18.43 2.33
CA LEU B 171 -2.65 17.68 3.11
C LEU B 171 -2.07 16.34 3.60
N PRO B 172 -2.71 15.75 4.63
CA PRO B 172 -2.39 14.41 5.14
C PRO B 172 -2.40 13.33 4.04
N ARG B 173 -1.88 12.15 4.35
CA ARG B 173 -1.77 11.09 3.34
C ARG B 173 -3.09 10.79 2.61
N TYR B 174 -2.99 10.62 1.29
CA TYR B 174 -4.10 10.52 0.34
C TYR B 174 -5.51 10.95 0.76
N MET B 175 -5.68 12.25 0.93
CA MET B 175 -7.01 12.80 1.14
C MET B 175 -7.19 14.03 0.26
N GLU B 176 -8.44 14.38 0.00
CA GLU B 176 -8.74 15.64 -0.67
C GLU B 176 -9.89 16.38 0.01
N VAL B 177 -9.86 17.71 0.00
CA VAL B 177 -11.00 18.47 0.46
C VAL B 177 -11.78 18.99 -0.74
N ASN B 178 -13.04 19.34 -0.50
CA ASN B 178 -13.95 19.80 -1.54
C ASN B 178 -14.90 20.81 -0.92
N ILE B 179 -14.93 22.03 -1.46
CA ILE B 179 -15.63 23.13 -0.82
C ILE B 179 -16.84 23.65 -1.60
N LYS B 180 -18.01 23.48 -1.00
CA LYS B 180 -19.27 23.93 -1.60
C LYS B 180 -20.16 24.64 -0.58
N ASP B 181 -20.44 25.91 -0.83
CA ASP B 181 -21.34 26.73 0.00
C ASP B 181 -20.89 26.85 1.45
N GLY B 182 -19.68 27.39 1.65
CA GLY B 182 -19.13 27.49 3.00
C GLY B 182 -19.09 26.19 3.77
N LYS B 183 -18.84 25.09 3.08
CA LYS B 183 -18.76 23.79 3.73
C LYS B 183 -17.63 22.94 3.17
N ILE B 184 -16.63 22.65 4.00
CA ILE B 184 -15.54 21.80 3.56
C ILE B 184 -15.83 20.34 3.82
N ILE B 185 -15.71 19.54 2.78
CA ILE B 185 -15.81 18.08 2.89
C ILE B 185 -14.45 17.46 2.65
N GLY B 186 -14.07 16.50 3.47
CA GLY B 186 -12.83 15.79 3.25
C GLY B 186 -13.12 14.31 3.17
N ARG B 187 -12.42 13.61 2.29
CA ARG B 187 -12.59 12.17 2.12
C ARG B 187 -11.27 11.53 1.83
N SER B 188 -11.09 10.31 2.35
CA SER B 188 -9.97 9.46 2.00
C SER B 188 -10.08 9.05 0.52
N LEU B 189 -8.96 9.12 -0.21
CA LEU B 189 -8.90 8.64 -1.59
C LEU B 189 -8.71 7.13 -1.62
N ASP B 190 -8.35 6.57 -0.48
CA ASP B 190 -8.03 5.15 -0.36
C ASP B 190 -9.27 4.35 -0.03
N PRO B 191 -9.80 3.61 -1.02
CA PRO B 191 -11.02 2.81 -0.83
C PRO B 191 -10.84 1.62 0.12
N ARG B 192 -9.61 1.23 0.40
CA ARG B 192 -9.35 0.11 1.30
C ARG B 192 -9.74 0.38 2.74
N GLU B 193 -10.16 1.62 3.03
CA GLU B 193 -10.47 1.99 4.42
C GLU B 193 -11.98 2.01 4.69
N GLY B 194 -12.78 1.90 3.63
CA GLY B 194 -14.21 1.75 3.79
C GLY B 194 -14.97 3.06 3.77
N GLY B 195 -14.53 4.01 2.95
CA GLY B 195 -15.24 5.27 2.80
C GLY B 195 -15.29 6.09 4.07
N LEU B 196 -14.12 6.52 4.53
CA LEU B 196 -14.02 7.45 5.66
C LEU B 196 -14.22 8.85 5.12
N TYR B 197 -14.72 9.75 5.95
CA TYR B 197 -15.09 11.09 5.52
C TYR B 197 -15.37 12.01 6.70
N GLY B 198 -15.40 13.31 6.44
CA GLY B 198 -15.64 14.29 7.47
C GLY B 198 -16.07 15.59 6.85
N SER B 199 -16.44 16.54 7.69
CA SER B 199 -17.05 17.77 7.25
C SER B 199 -16.83 18.90 8.23
N ALA B 200 -16.79 20.13 7.72
CA ALA B 200 -16.64 21.32 8.55
C ALA B 200 -16.99 22.57 7.77
N GLU B 201 -17.55 23.58 8.45
CA GLU B 201 -17.98 24.80 7.79
C GLU B 201 -16.85 25.78 7.61
N VAL B 202 -16.93 26.61 6.58
CA VAL B 202 -15.90 27.63 6.40
C VAL B 202 -16.51 28.92 5.86
N SER B 203 -15.84 30.03 6.14
CA SER B 203 -16.25 31.33 5.63
C SER B 203 -15.22 31.76 4.60
N VAL B 204 -15.54 31.51 3.34
CA VAL B 204 -14.64 31.79 2.22
C VAL B 204 -14.59 33.26 1.89
N PRO B 205 -13.47 33.92 2.22
CA PRO B 205 -13.39 35.35 1.90
C PRO B 205 -13.46 35.58 0.39
N GLU B 206 -13.65 36.81 -0.03
CA GLU B 206 -13.93 37.09 -1.42
C GLU B 206 -12.65 37.22 -2.22
N GLY B 207 -12.67 36.72 -3.44
CA GLY B 207 -11.51 36.78 -4.31
C GLY B 207 -10.50 35.67 -4.07
N VAL B 208 -10.77 34.76 -3.14
CA VAL B 208 -9.79 33.72 -2.90
C VAL B 208 -10.15 32.45 -3.64
N LYS B 209 -9.16 31.95 -4.38
CA LYS B 209 -9.31 30.74 -5.14
C LYS B 209 -8.28 29.70 -4.67
N TRP B 210 -8.64 28.43 -4.82
CA TRP B 210 -7.77 27.33 -4.45
C TRP B 210 -7.63 26.29 -5.57
N GLU B 211 -6.64 25.42 -5.42
CA GLU B 211 -6.36 24.35 -6.37
C GLU B 211 -5.87 23.13 -5.63
N ILE B 212 -6.25 21.95 -6.09
CA ILE B 212 -5.74 20.71 -5.55
C ILE B 212 -5.02 19.91 -6.62
N TYR B 213 -3.79 19.50 -6.34
CA TYR B 213 -2.97 18.73 -7.27
C TYR B 213 -1.91 17.93 -6.49
N PRO B 214 -1.28 16.94 -7.14
CA PRO B 214 -0.33 16.14 -6.35
C PRO B 214 0.93 16.88 -5.88
N ASN B 215 1.36 16.65 -4.64
CA ASN B 215 2.69 17.08 -4.22
C ASN B 215 3.73 16.23 -4.97
N PRO B 216 4.59 16.87 -5.77
CA PRO B 216 5.50 16.11 -6.64
C PRO B 216 6.68 15.45 -5.93
N VAL B 217 7.06 15.94 -4.75
CA VAL B 217 8.12 15.31 -3.97
C VAL B 217 7.57 14.45 -2.82
N ALA B 218 6.26 14.23 -2.84
CA ALA B 218 5.57 13.44 -1.83
C ALA B 218 4.40 12.66 -2.41
N ARG B 219 4.73 11.64 -3.20
CA ARG B 219 3.71 10.77 -3.80
C ARG B 219 2.71 10.33 -2.72
N ARG B 220 1.43 10.31 -3.10
CA ARG B 220 0.29 9.92 -2.24
C ARG B 220 -0.17 11.08 -1.35
N PHE B 221 0.59 12.18 -1.33
CA PHE B 221 0.16 13.38 -0.62
C PHE B 221 -0.34 14.44 -1.62
N MET B 222 -1.37 15.21 -1.21
CA MET B 222 -1.97 16.19 -2.10
C MET B 222 -1.67 17.64 -1.67
N ILE B 223 -1.48 18.54 -2.62
CA ILE B 223 -1.32 19.97 -2.35
C ILE B 223 -2.66 20.72 -2.33
N PHE B 224 -2.85 21.61 -1.36
CA PHE B 224 -3.98 22.54 -1.34
C PHE B 224 -3.42 23.94 -1.47
N GLU B 225 -3.38 24.47 -2.68
CA GLU B 225 -2.84 25.79 -2.90
C GLU B 225 -3.94 26.89 -2.90
N ILE B 226 -3.69 27.96 -2.16
CA ILE B 226 -4.68 29.00 -1.94
C ILE B 226 -4.15 30.34 -2.37
N PHE B 227 -4.97 31.08 -3.11
CA PHE B 227 -4.61 32.40 -3.63
C PHE B 227 -5.57 33.45 -3.13
N SER B 228 -5.05 34.62 -2.77
CA SER B 228 -5.92 35.75 -2.44
C SER B 228 -5.82 36.82 -3.52
N LYS B 229 -6.80 37.73 -3.52
CA LYS B 229 -6.77 39.02 -4.21
C LYS B 229 -8.16 39.61 -4.20
N MET C 1 -1.63 -22.01 -20.99
CA MET C 1 -1.47 -20.99 -19.94
C MET C 1 -1.43 -21.61 -18.55
N MET C 2 -0.52 -21.09 -17.73
CA MET C 2 -0.24 -21.58 -16.39
C MET C 2 -1.52 -21.79 -15.59
N ARG C 3 -1.70 -22.99 -15.03
CA ARG C 3 -2.80 -23.25 -14.13
C ARG C 3 -2.19 -23.38 -12.74
N ILE C 4 -2.78 -22.71 -11.75
CA ILE C 4 -2.22 -22.59 -10.40
C ILE C 4 -3.18 -23.00 -9.29
N VAL C 5 -2.70 -23.77 -8.31
CA VAL C 5 -3.49 -24.02 -7.11
C VAL C 5 -2.88 -23.29 -5.91
N ALA C 6 -3.69 -22.61 -5.10
CA ALA C 6 -3.19 -22.00 -3.87
C ALA C 6 -4.17 -22.19 -2.72
N ALA C 7 -3.71 -21.89 -1.51
CA ALA C 7 -4.55 -22.03 -0.33
C ALA C 7 -4.20 -21.00 0.73
N ASP C 8 -5.22 -20.52 1.42
CA ASP C 8 -5.03 -19.61 2.53
C ASP C 8 -6.12 -19.83 3.58
N THR C 9 -5.86 -19.36 4.80
CA THR C 9 -6.82 -19.46 5.89
C THR C 9 -7.19 -18.07 6.34
N GLY C 10 -8.48 -17.74 6.36
CA GLY C 10 -8.85 -16.34 6.54
C GLY C 10 -10.09 -15.90 7.31
N GLY C 11 -10.85 -16.80 7.89
CA GLY C 11 -11.93 -16.30 8.72
C GLY C 11 -11.43 -15.88 10.08
N ALA C 12 -12.15 -15.03 10.79
CA ALA C 12 -11.76 -14.74 12.18
C ALA C 12 -12.91 -14.32 13.07
N VAL C 13 -13.14 -15.11 14.10
CA VAL C 13 -14.17 -14.81 15.07
C VAL C 13 -13.63 -13.77 16.03
N LEU C 14 -14.38 -12.69 16.22
CA LEU C 14 -13.94 -11.61 17.09
C LEU C 14 -14.75 -11.48 18.38
N ASP C 15 -14.07 -11.15 19.48
CA ASP C 15 -14.77 -10.78 20.71
C ASP C 15 -15.17 -9.32 20.63
N GLU C 16 -15.75 -8.80 21.70
CA GLU C 16 -16.28 -7.45 21.73
C GLU C 16 -15.19 -6.38 21.74
N THR C 17 -13.93 -6.78 21.92
CA THR C 17 -12.81 -5.88 21.72
C THR C 17 -12.31 -5.90 20.26
N PHE C 18 -13.02 -6.63 19.40
CA PHE C 18 -12.64 -6.84 17.99
C PHE C 18 -11.31 -7.57 17.89
N GLU C 19 -11.07 -8.49 18.82
CA GLU C 19 -9.82 -9.22 18.80
C GLU C 19 -10.06 -10.69 18.42
N PRO C 20 -9.20 -11.23 17.53
CA PRO C 20 -9.27 -12.60 17.00
C PRO C 20 -9.26 -13.68 18.05
N ILE C 21 -10.30 -14.51 18.04
CA ILE C 21 -10.39 -15.67 18.90
C ILE C 21 -9.82 -16.89 18.18
N GLY C 22 -10.17 -17.03 16.91
CA GLY C 22 -9.60 -18.08 16.07
C GLY C 22 -10.00 -17.91 14.62
N LEU C 23 -9.39 -18.71 13.75
CA LEU C 23 -9.67 -18.66 12.32
C LEU C 23 -10.86 -19.55 11.91
N ILE C 24 -11.43 -19.30 10.74
CA ILE C 24 -12.65 -19.99 10.35
C ILE C 24 -12.49 -20.97 9.19
N ALA C 25 -11.91 -20.52 8.07
CA ALA C 25 -11.93 -21.29 6.83
C ALA C 25 -10.58 -21.36 6.10
N THR C 26 -10.14 -22.58 5.82
CA THR C 26 -8.98 -22.78 4.96
C THR C 26 -9.57 -23.06 3.60
N VAL C 27 -9.07 -22.40 2.57
CA VAL C 27 -9.65 -22.63 1.25
C VAL C 27 -8.57 -22.85 0.22
N ALA C 28 -8.76 -23.86 -0.62
CA ALA C 28 -7.85 -24.06 -1.72
C ALA C 28 -8.58 -23.77 -3.01
N VAL C 29 -7.87 -23.17 -3.96
CA VAL C 29 -8.46 -22.76 -5.22
C VAL C 29 -7.62 -23.15 -6.43
N LEU C 30 -8.30 -23.48 -7.53
CA LEU C 30 -7.67 -23.65 -8.83
C LEU C 30 -7.91 -22.37 -9.59
N VAL C 31 -6.83 -21.68 -9.93
CA VAL C 31 -6.95 -20.41 -10.63
C VAL C 31 -6.39 -20.54 -12.04
N GLU C 32 -7.20 -20.20 -13.02
CA GLU C 32 -6.77 -20.21 -14.41
C GLU C 32 -6.80 -18.79 -14.95
N LYS C 33 -6.09 -18.58 -16.05
CA LYS C 33 -6.23 -17.37 -16.84
C LYS C 33 -7.72 -17.01 -16.97
N PRO C 34 -8.08 -15.72 -16.77
CA PRO C 34 -7.27 -14.51 -16.56
C PRO C 34 -6.81 -14.23 -15.12
N TYR C 35 -6.87 -15.24 -14.26
CA TYR C 35 -6.40 -15.12 -12.87
C TYR C 35 -7.16 -14.03 -12.08
N ARG C 36 -8.47 -14.00 -12.23
CA ARG C 36 -9.29 -13.09 -11.44
C ARG C 36 -10.05 -13.80 -10.35
N SER C 37 -10.45 -15.04 -10.63
CA SER C 37 -11.25 -15.83 -9.69
C SER C 37 -10.83 -17.32 -9.70
N ALA C 38 -11.59 -18.17 -9.00
CA ALA C 38 -11.25 -19.61 -8.91
C ALA C 38 -12.13 -20.48 -9.80
N LYS C 39 -11.54 -21.51 -10.40
CA LYS C 39 -12.25 -22.43 -11.27
C LYS C 39 -12.84 -23.57 -10.43
N GLU C 40 -12.19 -23.86 -9.32
CA GLU C 40 -12.56 -24.95 -8.43
C GLU C 40 -12.16 -24.53 -7.02
N VAL C 41 -12.83 -25.09 -6.02
CA VAL C 41 -12.65 -24.71 -4.64
C VAL C 41 -12.82 -25.87 -3.66
N MET C 42 -11.96 -25.92 -2.65
CA MET C 42 -12.03 -26.95 -1.62
C MET C 42 -11.94 -26.24 -0.27
N VAL C 43 -13.01 -26.30 0.51
CA VAL C 43 -13.09 -25.57 1.78
C VAL C 43 -13.03 -26.49 2.98
N LYS C 44 -12.11 -26.22 3.90
CA LYS C 44 -12.00 -27.00 5.11
C LYS C 44 -12.15 -26.10 6.31
N TYR C 45 -13.30 -26.19 6.99
CA TYR C 45 -13.54 -25.37 8.18
C TYR C 45 -12.71 -25.84 9.37
N ALA C 46 -12.55 -24.98 10.36
CA ALA C 46 -11.84 -25.37 11.58
C ALA C 46 -12.61 -24.77 12.74
N ASN C 47 -12.46 -25.34 13.94
CA ASN C 47 -13.11 -24.77 15.12
C ASN C 47 -12.31 -23.56 15.57
N PRO C 48 -12.86 -22.36 15.33
CA PRO C 48 -12.16 -21.13 15.70
C PRO C 48 -12.01 -21.01 17.20
N TYR C 49 -12.93 -21.62 17.94
CA TYR C 49 -12.95 -21.55 19.39
C TYR C 49 -11.90 -22.43 20.03
N ASP C 50 -10.98 -22.95 19.23
CA ASP C 50 -9.88 -23.78 19.73
C ASP C 50 -8.77 -23.82 18.70
N TYR C 51 -8.22 -22.64 18.38
CA TYR C 51 -7.28 -22.48 17.27
C TYR C 51 -5.90 -22.10 17.77
N ASP C 52 -4.87 -22.55 17.05
CA ASP C 52 -3.47 -22.26 17.41
C ASP C 52 -3.17 -20.76 17.28
N LEU C 53 -3.60 -20.17 16.16
CA LEU C 53 -3.52 -18.72 15.96
C LEU C 53 -2.11 -18.16 16.10
N THR C 54 -1.10 -18.95 15.74
CA THR C 54 0.28 -18.47 15.78
C THR C 54 1.06 -18.82 14.52
N GLY C 55 0.47 -19.63 13.66
CA GLY C 55 1.16 -20.05 12.45
C GLY C 55 1.00 -21.53 12.13
N ARG C 56 1.50 -22.41 13.01
CA ARG C 56 1.50 -23.87 12.84
C ARG C 56 0.23 -24.41 12.21
N GLN C 57 -0.91 -24.05 12.82
CA GLN C 57 -2.21 -24.54 12.37
C GLN C 57 -2.46 -24.21 10.91
N ALA C 58 -2.85 -22.94 10.68
CA ALA C 58 -3.21 -22.41 9.37
C ALA C 58 -2.39 -23.00 8.23
N ILE C 59 -1.08 -22.80 8.26
CA ILE C 59 -0.25 -23.17 7.13
C ILE C 59 -0.24 -24.67 6.90
N ARG C 60 -0.22 -25.44 7.98
CA ARG C 60 -0.29 -26.90 7.86
C ARG C 60 -1.52 -27.33 7.06
N ASP C 61 -2.71 -26.88 7.47
CA ASP C 61 -3.93 -27.21 6.74
C ASP C 61 -3.75 -26.82 5.29
N GLU C 62 -3.44 -25.53 5.11
CA GLU C 62 -3.20 -24.91 3.81
C GLU C 62 -2.39 -25.80 2.89
N VAL C 63 -1.23 -26.27 3.34
CA VAL C 63 -0.40 -27.16 2.52
C VAL C 63 -1.10 -28.47 2.20
N LEU C 64 -1.77 -29.05 3.19
CA LEU C 64 -2.48 -30.31 2.99
C LEU C 64 -3.65 -30.09 2.03
N LEU C 65 -4.48 -29.08 2.29
CA LEU C 65 -5.62 -28.82 1.41
C LEU C 65 -5.17 -28.52 -0.02
N ALA C 66 -4.13 -27.71 -0.16
CA ALA C 66 -3.60 -27.40 -1.48
C ALA C 66 -3.19 -28.68 -2.24
N ILE C 67 -2.50 -29.59 -1.54
CA ILE C 67 -2.08 -30.87 -2.14
C ILE C 67 -3.25 -31.77 -2.54
N GLU C 68 -4.23 -31.94 -1.66
CA GLU C 68 -5.39 -32.75 -2.02
C GLU C 68 -5.99 -32.22 -3.31
N LEU C 69 -6.25 -30.91 -3.34
CA LEU C 69 -6.82 -30.28 -4.52
C LEU C 69 -5.87 -30.34 -5.72
N ALA C 70 -4.57 -30.25 -5.48
CA ALA C 70 -3.59 -30.33 -6.56
C ALA C 70 -3.51 -31.72 -7.17
N ARG C 71 -3.48 -32.74 -6.31
CA ARG C 71 -3.40 -34.11 -6.79
C ARG C 71 -4.59 -34.40 -7.70
N LYS C 72 -5.72 -33.77 -7.38
CA LYS C 72 -6.96 -33.99 -8.10
C LYS C 72 -6.97 -33.30 -9.46
N VAL C 73 -6.74 -31.99 -9.48
CA VAL C 73 -6.90 -31.20 -10.70
C VAL C 73 -5.60 -31.02 -11.49
N LYS C 74 -4.48 -31.46 -10.90
CA LYS C 74 -3.18 -31.48 -11.57
C LYS C 74 -2.67 -30.14 -12.14
N PRO C 75 -2.49 -29.13 -11.27
CA PRO C 75 -1.97 -27.82 -11.71
C PRO C 75 -0.52 -27.85 -12.20
N ASP C 76 0.03 -26.66 -12.45
CA ASP C 76 1.41 -26.48 -12.91
C ASP C 76 2.35 -26.29 -11.75
N VAL C 77 1.80 -25.68 -10.70
CA VAL C 77 2.56 -25.31 -9.54
C VAL C 77 1.56 -24.99 -8.48
N ILE C 78 1.96 -25.11 -7.22
CA ILE C 78 1.12 -24.70 -6.13
C ILE C 78 1.72 -23.43 -5.55
N HIS C 79 0.87 -22.56 -5.01
CA HIS C 79 1.33 -21.34 -4.35
C HIS C 79 1.04 -21.39 -2.86
N LEU C 80 2.07 -21.14 -2.06
CA LEU C 80 1.94 -21.22 -0.61
C LEU C 80 1.97 -19.84 0.04
N ASP C 81 0.99 -19.54 0.87
CA ASP C 81 1.00 -18.22 1.50
C ASP C 81 2.12 -18.09 2.52
N SER C 82 3.33 -17.87 2.02
CA SER C 82 4.44 -17.54 2.88
C SER C 82 5.53 -16.85 2.07
N THR C 83 5.79 -15.58 2.37
CA THR C 83 6.67 -14.76 1.54
C THR C 83 8.16 -15.04 1.78
N LEU C 84 8.72 -15.92 0.94
CA LEU C 84 10.10 -16.34 1.09
C LEU C 84 10.82 -16.31 -0.25
N GLY C 85 10.50 -15.31 -1.07
CA GLY C 85 11.19 -15.14 -2.34
C GLY C 85 10.75 -16.11 -3.41
N GLY C 86 10.09 -17.18 -2.99
CA GLY C 86 9.64 -18.22 -3.91
C GLY C 86 10.50 -19.46 -3.85
N ILE C 87 10.85 -19.89 -2.64
CA ILE C 87 11.61 -21.12 -2.49
C ILE C 87 10.65 -22.32 -2.55
N GLU C 88 11.18 -23.48 -2.94
CA GLU C 88 10.44 -24.74 -3.00
C GLU C 88 10.38 -25.42 -1.64
N LEU C 89 9.17 -25.62 -1.11
CA LEU C 89 8.97 -26.24 0.20
C LEU C 89 9.69 -27.58 0.36
N ARG C 90 10.06 -28.22 -0.75
CA ARG C 90 10.79 -29.50 -0.72
C ARG C 90 12.27 -29.26 -0.48
N LYS C 91 12.62 -27.99 -0.35
CA LYS C 91 13.99 -27.57 -0.13
C LYS C 91 14.17 -26.88 1.21
N LEU C 92 13.06 -26.50 1.84
CA LEU C 92 13.15 -25.79 3.11
C LEU C 92 13.78 -26.64 4.25
N ASP C 93 15.11 -26.80 4.21
CA ASP C 93 15.90 -27.48 5.21
C ASP C 93 16.28 -26.65 6.47
N GLU C 94 17.36 -26.98 7.22
CA GLU C 94 17.79 -26.09 8.36
C GLU C 94 18.78 -25.10 7.69
N PRO C 95 19.82 -25.59 6.92
CA PRO C 95 20.64 -24.51 6.34
C PRO C 95 19.95 -23.80 5.18
N THR C 96 18.76 -23.24 5.46
CA THR C 96 17.90 -22.54 4.50
C THR C 96 17.33 -21.39 5.23
N ILE C 97 16.67 -21.82 6.29
CA ILE C 97 15.48 -21.22 6.85
C ILE C 97 15.80 -19.91 7.58
N ASP C 98 16.95 -19.95 8.22
CA ASP C 98 17.50 -18.85 8.99
C ASP C 98 18.55 -18.09 8.19
N ALA C 99 18.96 -18.69 7.09
CA ALA C 99 19.69 -18.02 6.03
C ALA C 99 18.73 -17.14 5.21
N LEU C 100 17.53 -16.90 5.75
CA LEU C 100 16.51 -16.06 5.10
C LEU C 100 16.29 -14.76 5.87
N GLY C 101 15.65 -13.80 5.19
CA GLY C 101 15.38 -12.51 5.77
C GLY C 101 14.01 -12.45 6.42
N ILE C 102 13.89 -13.06 7.58
CA ILE C 102 12.63 -13.03 8.32
C ILE C 102 12.87 -12.83 9.81
N SER C 103 11.78 -12.60 10.55
CA SER C 103 11.83 -12.77 12.00
C SER C 103 12.44 -14.12 12.37
N ASP C 104 12.83 -14.26 13.64
CA ASP C 104 13.42 -15.48 14.12
C ASP C 104 12.39 -16.24 14.97
N LYS C 105 11.24 -15.61 15.20
CA LYS C 105 10.03 -16.35 15.52
C LYS C 105 9.56 -17.00 14.23
N GLY C 106 9.60 -16.22 13.15
CA GLY C 106 9.38 -16.73 11.81
C GLY C 106 10.32 -17.86 11.45
N LYS C 107 11.63 -17.60 11.49
CA LYS C 107 12.64 -18.63 11.19
C LYS C 107 12.48 -19.82 12.13
N GLU C 108 11.88 -19.58 13.30
CA GLU C 108 11.56 -20.64 14.24
C GLU C 108 10.32 -21.40 13.82
N VAL C 109 9.21 -20.67 13.65
CA VAL C 109 7.92 -21.28 13.33
C VAL C 109 8.10 -22.19 12.12
N TRP C 110 8.93 -21.72 11.21
CA TRP C 110 9.26 -22.41 9.96
C TRP C 110 10.41 -23.43 10.12
N LYS C 111 10.56 -23.95 11.34
CA LYS C 111 11.51 -25.02 11.63
C LYS C 111 10.76 -26.31 11.92
N GLU C 112 9.77 -26.20 12.79
CA GLU C 112 9.02 -27.38 13.22
C GLU C 112 7.96 -27.71 12.18
N LEU C 113 7.85 -26.84 11.19
CA LEU C 113 7.03 -27.09 10.02
C LEU C 113 7.86 -27.74 8.92
N SER C 114 9.18 -27.64 9.02
CA SER C 114 10.01 -28.13 7.94
C SER C 114 10.31 -29.63 7.98
N LYS C 115 10.07 -30.28 9.11
CA LYS C 115 10.48 -31.67 9.32
C LYS C 115 9.31 -32.61 9.04
N ASP C 116 8.19 -32.01 8.69
CA ASP C 116 7.03 -32.80 8.26
C ASP C 116 6.72 -32.29 6.84
N LEU C 117 6.47 -31.00 6.70
CA LEU C 117 6.11 -30.45 5.40
C LEU C 117 7.22 -30.48 4.32
N GLN C 118 8.49 -30.64 4.67
CA GLN C 118 9.54 -30.68 3.63
C GLN C 118 9.69 -32.05 2.95
N PRO C 119 9.68 -33.15 3.74
CA PRO C 119 9.72 -34.42 3.00
C PRO C 119 8.37 -34.69 2.32
N LEU C 120 7.30 -34.08 2.85
CA LEU C 120 5.98 -34.15 2.27
C LEU C 120 5.99 -33.49 0.89
N ALA C 121 6.57 -32.30 0.82
CA ALA C 121 6.75 -31.57 -0.44
C ALA C 121 7.65 -32.30 -1.43
N ARG C 122 8.56 -33.10 -0.91
CA ARG C 122 9.45 -33.83 -1.80
C ARG C 122 8.69 -35.03 -2.32
N LYS C 123 7.88 -35.64 -1.43
CA LYS C 123 7.03 -36.77 -1.79
C LYS C 123 6.15 -36.39 -2.97
N PHE C 124 5.33 -35.36 -2.74
CA PHE C 124 4.33 -34.91 -3.72
C PHE C 124 5.02 -34.50 -5.02
N TRP C 125 6.24 -34.00 -4.89
CA TRP C 125 7.01 -33.64 -6.07
C TRP C 125 7.50 -34.87 -6.87
N GLU C 126 7.92 -35.93 -6.19
CA GLU C 126 8.37 -37.12 -6.91
C GLU C 126 7.16 -37.81 -7.51
N GLU C 127 6.01 -37.61 -6.87
CA GLU C 127 4.75 -38.22 -7.30
C GLU C 127 4.14 -37.59 -8.58
N THR C 128 4.24 -36.26 -8.69
CA THR C 128 3.51 -35.46 -9.70
C THR C 128 4.35 -34.37 -10.36
N ASN C 129 5.54 -34.14 -9.83
CA ASN C 129 6.44 -33.09 -10.32
C ASN C 129 5.83 -31.69 -10.17
N ILE C 130 5.06 -31.49 -9.08
CA ILE C 130 4.41 -30.21 -8.83
C ILE C 130 5.06 -29.54 -7.62
N GLU C 131 5.81 -28.47 -7.89
CA GLU C 131 6.45 -27.70 -6.83
C GLU C 131 5.43 -26.95 -6.00
N ILE C 132 5.78 -26.78 -4.72
CA ILE C 132 5.07 -25.94 -3.78
C ILE C 132 5.97 -24.74 -3.47
N VAL C 133 5.73 -23.60 -4.12
CA VAL C 133 6.62 -22.45 -3.91
C VAL C 133 6.09 -21.49 -2.84
N ALA C 134 7.01 -20.99 -2.01
CA ALA C 134 6.70 -20.09 -0.90
C ALA C 134 6.74 -18.64 -1.36
N ILE C 135 5.69 -18.23 -2.06
CA ILE C 135 5.66 -17.01 -2.83
C ILE C 135 4.95 -15.91 -2.04
N GLY C 136 4.07 -16.34 -1.14
CA GLY C 136 3.38 -15.44 -0.26
C GLY C 136 2.59 -14.30 -0.89
N LYS C 137 2.83 -13.10 -0.37
CA LYS C 137 2.00 -11.96 -0.67
C LYS C 137 1.93 -11.58 -2.16
N SER C 138 3.00 -11.85 -2.90
CA SER C 138 3.03 -11.41 -4.29
C SER C 138 2.37 -12.39 -5.26
N SER C 139 1.63 -13.35 -4.73
CA SER C 139 0.83 -14.26 -5.56
C SER C 139 -0.60 -13.80 -5.73
N VAL C 140 -1.14 -13.99 -6.92
CA VAL C 140 -2.55 -13.65 -7.12
C VAL C 140 -3.48 -14.82 -6.69
N PRO C 141 -3.12 -16.08 -7.03
CA PRO C 141 -3.95 -17.19 -6.51
C PRO C 141 -4.08 -17.20 -5.00
N VAL C 142 -2.98 -16.91 -4.30
CA VAL C 142 -2.98 -16.83 -2.85
C VAL C 142 -3.99 -15.80 -2.44
N ARG C 143 -3.98 -14.67 -3.14
CA ARG C 143 -4.94 -13.63 -2.82
C ARG C 143 -6.37 -14.09 -3.07
N ILE C 144 -6.62 -14.79 -4.18
CA ILE C 144 -7.98 -15.24 -4.47
C ILE C 144 -8.49 -16.24 -3.43
N ALA C 145 -7.60 -17.11 -2.96
CA ALA C 145 -7.92 -18.05 -1.90
C ALA C 145 -8.33 -17.31 -0.63
N GLU C 146 -7.52 -16.34 -0.23
CA GLU C 146 -7.81 -15.47 0.90
C GLU C 146 -9.20 -14.86 0.80
N ILE C 147 -9.55 -14.42 -0.41
CA ILE C 147 -10.87 -13.86 -0.65
C ILE C 147 -11.97 -14.91 -0.52
N TYR C 148 -11.71 -16.13 -0.97
CA TYR C 148 -12.70 -17.20 -0.80
C TYR C 148 -12.84 -17.56 0.69
N ALA C 149 -11.74 -17.46 1.43
CA ALA C 149 -11.78 -17.72 2.86
C ALA C 149 -12.70 -16.71 3.55
N GLY C 150 -12.67 -15.46 3.12
CA GLY C 150 -13.58 -14.45 3.66
C GLY C 150 -15.02 -14.78 3.30
N ILE C 151 -15.23 -15.17 2.04
CA ILE C 151 -16.52 -15.62 1.56
C ILE C 151 -17.07 -16.80 2.37
N TYR C 152 -16.23 -17.83 2.54
CA TYR C 152 -16.65 -19.03 3.26
C TYR C 152 -16.63 -18.81 4.75
N SER C 153 -16.22 -17.62 5.18
CA SER C 153 -16.29 -17.31 6.59
C SER C 153 -17.58 -16.55 6.86
N ALA C 154 -17.97 -15.68 5.94
CA ALA C 154 -19.29 -15.08 6.00
C ALA C 154 -20.34 -16.20 5.91
N LYS C 155 -20.05 -17.19 5.07
CA LYS C 155 -20.84 -18.41 4.94
C LYS C 155 -20.97 -19.13 6.28
N TRP C 156 -19.84 -19.51 6.86
CA TRP C 156 -19.81 -20.22 8.14
C TRP C 156 -20.56 -19.45 9.22
N GLY C 157 -20.54 -18.12 9.10
CA GLY C 157 -21.11 -17.25 10.10
C GLY C 157 -22.61 -17.23 10.07
N ILE C 158 -23.17 -17.06 8.87
CA ILE C 158 -24.60 -17.19 8.66
C ILE C 158 -25.10 -18.52 9.24
N GLU C 159 -24.61 -19.62 8.67
CA GLU C 159 -25.06 -20.97 9.03
C GLU C 159 -24.86 -21.35 10.51
N ASN C 160 -24.33 -20.43 11.31
CA ASN C 160 -24.04 -20.69 12.72
C ASN C 160 -24.45 -19.59 13.66
N VAL C 161 -25.34 -18.72 13.21
CA VAL C 161 -25.73 -17.57 14.01
C VAL C 161 -26.86 -18.00 14.95
N GLU C 162 -27.25 -19.26 14.87
CA GLU C 162 -28.34 -19.78 15.67
C GLU C 162 -27.83 -20.54 16.87
N LYS C 163 -26.55 -20.90 16.83
CA LYS C 163 -25.95 -21.70 17.88
C LYS C 163 -25.13 -20.76 18.75
N GLU C 164 -24.92 -19.54 18.27
CA GLU C 164 -24.09 -18.55 18.93
C GLU C 164 -24.88 -17.26 19.18
N GLY C 165 -26.08 -17.16 18.62
CA GLY C 165 -26.94 -16.01 18.80
C GLY C 165 -26.42 -14.72 18.16
N HIS C 166 -25.28 -14.25 18.64
CA HIS C 166 -24.61 -13.08 18.05
C HIS C 166 -23.32 -13.57 17.39
N LEU C 167 -22.79 -12.81 16.43
CA LEU C 167 -21.55 -13.20 15.76
C LEU C 167 -20.82 -12.00 15.11
N ILE C 168 -19.54 -11.83 15.46
CA ILE C 168 -18.70 -10.78 14.88
C ILE C 168 -17.51 -11.38 14.13
N ILE C 169 -17.59 -11.43 12.81
CA ILE C 169 -16.50 -12.00 12.01
C ILE C 169 -15.62 -10.92 11.36
N GLY C 170 -14.32 -11.03 11.57
CA GLY C 170 -13.37 -10.13 10.95
C GLY C 170 -12.87 -10.71 9.64
N LEU C 171 -13.19 -10.03 8.55
CA LEU C 171 -12.85 -10.48 7.19
C LEU C 171 -11.38 -10.21 6.86
N PRO C 172 -10.80 -11.01 5.95
CA PRO C 172 -9.43 -10.75 5.49
C PRO C 172 -9.28 -9.35 4.94
N ARG C 173 -8.06 -8.89 4.77
CA ARG C 173 -7.77 -7.49 4.46
C ARG C 173 -8.42 -6.97 3.18
N TYR C 174 -8.83 -5.70 3.26
CA TYR C 174 -9.56 -4.98 2.21
C TYR C 174 -10.36 -5.88 1.27
N MET C 175 -11.29 -6.63 1.82
CA MET C 175 -12.25 -7.31 0.97
C MET C 175 -13.64 -7.10 1.51
N GLU C 176 -14.63 -7.28 0.64
CA GLU C 176 -16.01 -7.09 1.03
C GLU C 176 -16.90 -8.21 0.49
N VAL C 177 -18.03 -8.36 1.15
CA VAL C 177 -19.00 -9.38 0.85
C VAL C 177 -20.40 -8.76 0.71
N ASN C 178 -21.14 -9.16 -0.32
CA ASN C 178 -22.54 -8.78 -0.48
C ASN C 178 -23.35 -10.07 -0.58
N ILE C 179 -24.63 -9.99 -0.26
CA ILE C 179 -25.47 -11.18 -0.32
C ILE C 179 -26.77 -10.86 -1.01
N LYS C 180 -27.03 -11.55 -2.12
CA LYS C 180 -28.28 -11.42 -2.87
C LYS C 180 -28.72 -12.79 -3.40
N ASP C 181 -30.03 -13.05 -3.31
CA ASP C 181 -30.65 -14.24 -3.91
C ASP C 181 -29.96 -15.54 -3.53
N GLY C 182 -29.61 -15.65 -2.25
CA GLY C 182 -29.02 -16.87 -1.73
C GLY C 182 -27.56 -17.09 -2.09
N LYS C 183 -26.91 -16.14 -2.76
CA LYS C 183 -25.47 -16.29 -2.99
C LYS C 183 -24.61 -15.12 -2.50
N ILE C 184 -23.49 -15.50 -1.89
CA ILE C 184 -22.44 -14.59 -1.38
C ILE C 184 -21.39 -14.24 -2.45
N ILE C 185 -21.30 -12.97 -2.80
CA ILE C 185 -20.24 -12.49 -3.68
C ILE C 185 -19.17 -11.80 -2.86
N GLY C 186 -17.92 -12.16 -3.09
CA GLY C 186 -16.82 -11.56 -2.37
C GLY C 186 -15.92 -10.82 -3.34
N ARG C 187 -15.62 -9.57 -3.03
CA ARG C 187 -14.74 -8.77 -3.89
C ARG C 187 -13.60 -8.16 -3.10
N SER C 188 -12.46 -7.99 -3.75
CA SER C 188 -11.39 -7.18 -3.22
C SER C 188 -11.74 -5.70 -3.35
N LEU C 189 -11.46 -4.95 -2.30
CA LEU C 189 -11.67 -3.50 -2.29
C LEU C 189 -10.42 -2.76 -2.78
N ASP C 190 -9.35 -3.50 -3.09
CA ASP C 190 -8.12 -2.88 -3.57
C ASP C 190 -8.03 -2.83 -5.09
N PRO C 191 -8.15 -1.62 -5.67
CA PRO C 191 -8.13 -1.37 -7.12
C PRO C 191 -6.82 -1.83 -7.75
N ARG C 192 -5.76 -1.82 -6.93
CA ARG C 192 -4.43 -2.22 -7.38
C ARG C 192 -4.32 -3.69 -7.78
N GLU C 193 -5.11 -4.57 -7.17
CA GLU C 193 -5.00 -5.99 -7.47
C GLU C 193 -5.73 -6.33 -8.77
N GLY C 194 -6.37 -5.31 -9.36
CA GLY C 194 -7.00 -5.46 -10.66
C GLY C 194 -8.27 -6.30 -10.68
N GLY C 195 -9.11 -6.19 -9.64
CA GLY C 195 -10.46 -6.73 -9.67
C GLY C 195 -10.67 -8.21 -9.37
N LEU C 196 -10.16 -8.68 -8.25
CA LEU C 196 -10.28 -10.09 -7.91
C LEU C 196 -11.63 -10.31 -7.22
N TYR C 197 -12.23 -11.50 -7.41
CA TYR C 197 -13.59 -11.75 -6.89
C TYR C 197 -13.86 -13.25 -6.78
N GLY C 198 -15.00 -13.59 -6.18
CA GLY C 198 -15.35 -14.99 -5.95
C GLY C 198 -16.77 -15.09 -5.49
N SER C 199 -17.28 -16.31 -5.39
CA SER C 199 -18.70 -16.48 -5.18
C SER C 199 -18.99 -17.79 -4.45
N ALA C 200 -20.12 -17.84 -3.75
CA ALA C 200 -20.55 -19.07 -3.08
C ALA C 200 -22.01 -18.94 -2.71
N GLU C 201 -22.74 -20.05 -2.71
CA GLU C 201 -24.16 -20.04 -2.36
C GLU C 201 -24.29 -20.12 -0.84
N VAL C 202 -25.42 -19.67 -0.31
CA VAL C 202 -25.60 -19.73 1.14
C VAL C 202 -27.07 -19.85 1.57
N SER C 203 -27.32 -20.73 2.55
CA SER C 203 -28.60 -20.76 3.25
C SER C 203 -28.74 -19.68 4.29
N VAL C 204 -29.62 -18.72 4.03
CA VAL C 204 -29.91 -17.65 4.98
C VAL C 204 -31.20 -17.93 5.74
N PRO C 205 -31.07 -18.48 6.97
CA PRO C 205 -32.23 -18.65 7.84
C PRO C 205 -32.96 -17.33 7.99
N GLU C 206 -34.28 -17.36 7.85
CA GLU C 206 -35.08 -16.14 7.83
C GLU C 206 -34.96 -15.37 9.14
N GLY C 207 -34.99 -14.05 9.02
CA GLY C 207 -34.88 -13.19 10.18
C GLY C 207 -33.47 -12.74 10.49
N VAL C 208 -32.50 -13.65 10.39
CA VAL C 208 -31.14 -13.30 10.77
C VAL C 208 -30.61 -12.24 9.79
N LYS C 209 -29.98 -11.21 10.33
CA LYS C 209 -29.44 -10.13 9.51
C LYS C 209 -27.97 -9.81 9.84
N TRP C 210 -27.29 -9.27 8.84
CA TRP C 210 -25.85 -9.05 8.92
C TRP C 210 -25.54 -7.57 8.79
N GLU C 211 -24.25 -7.24 8.87
CA GLU C 211 -23.82 -5.83 8.86
C GLU C 211 -22.32 -5.72 8.62
N ILE C 212 -21.93 -4.79 7.75
CA ILE C 212 -20.52 -4.63 7.39
C ILE C 212 -20.01 -3.23 7.71
N TYR C 213 -18.88 -3.15 8.39
CA TYR C 213 -18.32 -1.86 8.77
C TYR C 213 -16.83 -2.03 9.09
N PRO C 214 -16.07 -0.93 9.12
CA PRO C 214 -14.64 -1.00 9.42
C PRO C 214 -14.33 -1.53 10.82
N ASN C 215 -13.33 -2.40 10.93
CA ASN C 215 -12.78 -2.81 12.22
C ASN C 215 -11.94 -1.66 12.78
N PRO C 216 -12.48 -0.93 13.77
CA PRO C 216 -11.87 0.32 14.24
C PRO C 216 -10.45 0.15 14.83
N VAL C 217 -10.07 -1.10 15.09
CA VAL C 217 -8.80 -1.38 15.72
C VAL C 217 -7.87 -2.11 14.73
N ALA C 218 -8.38 -2.38 13.53
CA ALA C 218 -7.58 -2.94 12.43
C ALA C 218 -7.93 -2.28 11.08
N ARG C 219 -7.39 -1.10 10.86
CA ARG C 219 -7.65 -0.36 9.65
C ARG C 219 -7.29 -1.23 8.44
N ARG C 220 -8.18 -1.21 7.44
CA ARG C 220 -8.09 -1.99 6.19
C ARG C 220 -8.74 -3.39 6.33
N PHE C 221 -9.33 -3.65 7.48
CA PHE C 221 -10.04 -4.90 7.75
C PHE C 221 -11.49 -4.64 8.07
N MET C 222 -12.41 -5.36 7.42
CA MET C 222 -13.84 -5.15 7.65
C MET C 222 -14.43 -6.15 8.64
N ILE C 223 -15.40 -5.65 9.41
CA ILE C 223 -16.14 -6.48 10.33
C ILE C 223 -17.37 -7.02 9.64
N PHE C 224 -17.64 -8.31 9.79
CA PHE C 224 -18.90 -8.84 9.30
C PHE C 224 -19.74 -9.33 10.47
N GLU C 225 -20.67 -8.49 10.92
CA GLU C 225 -21.46 -8.79 12.10
C GLU C 225 -22.80 -9.41 11.73
N ILE C 226 -23.12 -10.54 12.37
CA ILE C 226 -24.37 -11.26 12.07
C ILE C 226 -25.31 -11.33 13.26
N PHE C 227 -26.59 -11.10 12.99
CA PHE C 227 -27.63 -11.11 14.03
C PHE C 227 -28.66 -12.22 13.79
N SER C 228 -29.72 -12.24 14.60
CA SER C 228 -30.70 -13.31 14.58
C SER C 228 -32.10 -12.82 14.98
#